data_8I5Z
#
_entry.id   8I5Z
#
_cell.length_a   92.302
_cell.length_b   92.302
_cell.length_c   380.013
_cell.angle_alpha   90.00
_cell.angle_beta   90.00
_cell.angle_gamma   120.00
#
_symmetry.space_group_name_H-M   'P 31 2 1'
#
loop_
_entity.id
_entity.type
_entity.pdbx_description
1 polymer 'D-isomer specific 2-hydroxyacid dehydrogenase NAD-binding protein'
2 water water
#
_entity_poly.entity_id   1
_entity_poly.type   'polypeptide(L)'
_entity_poly.pdbx_seq_one_letter_code
;MGSSHHHHHHSQDPMKVIFFSMHPYEEEFLGPILPSDWDVEMTPDFLDETTVEKAKGAQVVSLFVSDKADGPVLEALHSY
GVGLLALRSAGYDHIDIETAKRLGIKVVNVPAYSQHAIADHTLAIMLALIRRLHRAHDKVRLGDFDLDGLMGFDLNGKVA
GVIGLGKIGRLVATRLKAFGCKVLGYDPYIQPEIVENVDLDTLITQADIISIHCPLTRENFHMFNEETFKRMKPGAILVN
TARGGLIDTKALLEALKSGKLGGAALDVYEYERGLFFKNHQKEGIKDPYLAQLLGLANVVLTGHQAFLTREAVKNIEETT
VENILEWQKNPQAKLKNEI
;
_entity_poly.pdbx_strand_id   A,B,C,D
#
# COMPACT_ATOMS: atom_id res chain seq x y z
N LYS A 16 -9.85 -34.70 22.17
CA LYS A 16 -10.01 -33.65 21.18
C LYS A 16 -9.02 -32.51 21.41
N VAL A 17 -8.46 -31.96 20.34
CA VAL A 17 -7.52 -30.85 20.40
C VAL A 17 -8.04 -29.70 19.55
N ILE A 18 -8.17 -28.53 20.17
CA ILE A 18 -8.61 -27.32 19.48
C ILE A 18 -7.40 -26.39 19.32
N PHE A 19 -7.32 -25.73 18.16
CA PHE A 19 -6.20 -24.84 17.81
C PHE A 19 -6.75 -23.44 17.58
N PHE A 20 -6.40 -22.52 18.48
CA PHE A 20 -6.75 -21.12 18.31
C PHE A 20 -5.67 -20.40 17.53
N SER A 21 -6.08 -19.37 16.79
CA SER A 21 -5.13 -18.53 16.03
C SER A 21 -4.35 -19.38 15.02
N MET A 22 -5.04 -20.33 14.41
CA MET A 22 -4.46 -21.12 13.35
C MET A 22 -4.11 -20.22 12.17
N HIS A 23 -3.03 -20.57 11.47
CA HIS A 23 -2.61 -19.87 10.27
C HIS A 23 -2.31 -20.87 9.17
N PRO A 24 -2.48 -20.46 7.91
CA PRO A 24 -2.16 -21.39 6.82
C PRO A 24 -0.67 -21.74 6.77
N TYR A 25 0.21 -20.79 7.07
CA TYR A 25 1.62 -21.13 7.09
C TYR A 25 1.96 -22.12 8.20
N GLU A 26 1.07 -22.29 9.18
CA GLU A 26 1.21 -23.31 10.23
C GLU A 26 0.55 -24.63 9.85
N GLU A 27 -0.68 -24.59 9.31
CA GLU A 27 -1.38 -25.83 8.98
C GLU A 27 -0.80 -26.52 7.77
N GLU A 28 -0.08 -25.79 6.91
CA GLU A 28 0.69 -26.43 5.86
C GLU A 28 1.72 -27.41 6.40
N PHE A 29 2.14 -27.24 7.66
CA PHE A 29 3.18 -28.07 8.23
C PHE A 29 2.69 -29.04 9.29
N LEU A 30 1.84 -28.64 10.24
CA LEU A 30 1.39 -29.64 11.19
C LEU A 30 0.19 -30.41 10.67
N GLY A 31 -0.59 -29.82 9.78
CA GLY A 31 -1.66 -30.51 9.10
C GLY A 31 -1.25 -31.84 8.49
N PRO A 32 -0.23 -31.84 7.62
CA PRO A 32 0.20 -33.10 6.99
C PRO A 32 0.47 -34.18 8.02
N ILE A 33 -0.05 -35.37 7.73
CA ILE A 33 -0.21 -36.50 8.64
C ILE A 33 -0.86 -36.07 9.96
N LEU A 34 -0.32 -35.03 10.65
CA LEU A 34 -0.76 -34.58 11.97
C LEU A 34 -1.04 -35.78 12.86
N PRO A 35 0.00 -36.38 13.43
CA PRO A 35 -0.14 -37.69 14.12
C PRO A 35 -1.40 -37.82 14.96
N SER A 36 -2.46 -38.34 14.31
CA SER A 36 -3.83 -38.49 14.79
C SER A 36 -3.98 -38.67 16.29
N ASP A 37 -3.76 -37.59 17.06
CA ASP A 37 -4.14 -37.57 18.46
C ASP A 37 -5.57 -37.05 18.53
N TRP A 38 -6.52 -38.00 18.52
CA TRP A 38 -7.97 -37.75 18.62
C TRP A 38 -8.43 -36.76 17.55
N ASP A 39 -9.58 -36.13 17.80
CA ASP A 39 -10.23 -35.25 16.83
C ASP A 39 -9.68 -33.83 16.97
N VAL A 40 -9.47 -33.17 15.83
CA VAL A 40 -8.73 -31.93 15.75
C VAL A 40 -9.62 -30.84 15.17
N GLU A 41 -9.64 -29.66 15.82
CA GLU A 41 -10.34 -28.49 15.31
C GLU A 41 -9.43 -27.26 15.26
N MET A 42 -9.54 -26.50 14.18
CA MET A 42 -8.74 -25.30 13.99
C MET A 42 -9.63 -24.10 13.76
N THR A 43 -9.33 -23.00 14.46
CA THR A 43 -9.93 -21.73 14.09
C THR A 43 -8.84 -20.69 13.83
N PRO A 44 -9.01 -19.84 12.83
CA PRO A 44 -8.08 -18.70 12.70
C PRO A 44 -8.31 -17.66 13.78
N ASP A 45 -9.49 -17.68 14.40
CA ASP A 45 -9.87 -16.66 15.37
C ASP A 45 -9.00 -16.78 16.62
N PHE A 46 -8.71 -15.65 17.24
CA PHE A 46 -7.87 -15.71 18.43
C PHE A 46 -8.72 -15.90 19.68
N LEU A 47 -8.09 -16.44 20.72
CA LEU A 47 -8.78 -16.86 21.92
C LEU A 47 -8.92 -15.72 22.92
N ASP A 48 -10.16 -15.38 23.25
CA ASP A 48 -10.46 -14.57 24.44
C ASP A 48 -11.80 -15.05 24.99
N GLU A 49 -12.42 -14.22 25.83
CA GLU A 49 -13.66 -14.63 26.48
C GLU A 49 -14.83 -14.75 25.49
N THR A 50 -14.80 -14.00 24.38
CA THR A 50 -15.84 -14.13 23.37
C THR A 50 -15.75 -15.41 22.54
N THR A 51 -14.61 -16.13 22.59
CA THR A 51 -14.42 -17.30 21.75
C THR A 51 -14.03 -18.56 22.50
N VAL A 52 -13.77 -18.47 23.81
CA VAL A 52 -13.35 -19.62 24.61
C VAL A 52 -14.32 -20.77 24.47
N GLU A 53 -15.59 -20.48 24.21
CA GLU A 53 -16.61 -21.51 24.06
C GLU A 53 -16.20 -22.58 23.05
N LYS A 54 -15.54 -22.17 21.97
CA LYS A 54 -15.16 -23.11 20.92
C LYS A 54 -14.29 -24.25 21.47
N ALA A 55 -13.70 -24.06 22.65
CA ALA A 55 -12.85 -25.05 23.29
C ALA A 55 -13.62 -26.10 24.08
N LYS A 56 -14.96 -26.11 24.02
CA LYS A 56 -15.78 -27.06 24.79
C LYS A 56 -15.61 -28.48 24.28
N GLY A 57 -15.39 -29.41 25.19
CA GLY A 57 -15.11 -30.78 24.83
C GLY A 57 -13.64 -31.08 24.63
N ALA A 58 -12.80 -30.07 24.43
CA ALA A 58 -11.39 -30.30 24.17
C ALA A 58 -10.65 -30.56 25.48
N GLN A 59 -9.66 -31.45 25.43
CA GLN A 59 -8.76 -31.67 26.55
C GLN A 59 -7.42 -30.98 26.39
N VAL A 60 -7.02 -30.72 25.14
CA VAL A 60 -5.84 -29.93 24.80
C VAL A 60 -6.30 -28.68 24.06
N VAL A 61 -5.81 -27.53 24.50
CA VAL A 61 -6.00 -26.27 23.76
C VAL A 61 -4.63 -25.79 23.32
N SER A 62 -4.45 -25.59 22.02
CA SER A 62 -3.19 -25.09 21.48
C SER A 62 -3.34 -23.62 21.09
N LEU A 63 -2.37 -22.80 21.51
CA LEU A 63 -2.46 -21.35 21.39
C LEU A 63 -1.30 -20.76 20.60
N PHE A 64 -1.51 -19.50 20.18
CA PHE A 64 -0.44 -18.62 19.75
C PHE A 64 -0.44 -17.36 20.62
N VAL A 65 0.60 -16.53 20.44
CA VAL A 65 0.77 -15.30 21.21
C VAL A 65 -0.32 -14.27 20.92
N SER A 66 -1.07 -14.44 19.84
CA SER A 66 -2.28 -13.67 19.64
C SER A 66 -3.43 -14.12 20.53
N ASP A 67 -3.28 -15.19 21.28
CA ASP A 67 -4.34 -15.66 22.14
C ASP A 67 -4.13 -15.14 23.54
N LYS A 68 -5.22 -14.73 24.18
CA LYS A 68 -5.18 -14.24 25.55
C LYS A 68 -5.82 -15.30 26.43
N ALA A 69 -5.02 -15.88 27.34
CA ALA A 69 -5.49 -16.81 28.36
C ALA A 69 -5.14 -16.20 29.71
N ASP A 70 -6.01 -15.34 30.21
CA ASP A 70 -5.87 -14.76 31.53
C ASP A 70 -6.73 -15.59 32.51
N GLY A 71 -6.83 -15.13 33.76
CA GLY A 71 -7.64 -15.78 34.78
C GLY A 71 -9.04 -16.21 34.37
N PRO A 72 -9.87 -15.25 33.93
CA PRO A 72 -11.23 -15.61 33.47
C PRO A 72 -11.27 -16.74 32.46
N VAL A 73 -10.43 -16.69 31.43
CA VAL A 73 -10.49 -17.70 30.37
C VAL A 73 -9.97 -19.05 30.84
N LEU A 74 -9.04 -19.04 31.80
CA LEU A 74 -8.52 -20.30 32.31
C LEU A 74 -9.54 -21.00 33.18
N GLU A 75 -10.26 -20.25 34.01
CA GLU A 75 -11.32 -20.83 34.82
C GLU A 75 -12.43 -21.43 33.95
N ALA A 76 -12.67 -20.87 32.75
CA ALA A 76 -13.61 -21.46 31.80
C ALA A 76 -13.03 -22.68 31.12
N LEU A 77 -11.73 -22.66 30.78
CA LEU A 77 -11.13 -23.83 30.16
C LEU A 77 -11.04 -24.98 31.17
N HIS A 78 -10.46 -24.72 32.35
CA HIS A 78 -10.44 -25.70 33.43
C HIS A 78 -11.79 -26.39 33.59
N SER A 79 -12.88 -25.63 33.52
CA SER A 79 -14.22 -26.23 33.64
C SER A 79 -14.62 -27.04 32.41
N TYR A 80 -13.88 -27.00 31.31
CA TYR A 80 -14.17 -27.90 30.20
C TYR A 80 -13.40 -29.21 30.29
N GLY A 81 -12.45 -29.30 31.21
CA GLY A 81 -11.57 -30.45 31.26
C GLY A 81 -10.25 -30.26 30.54
N VAL A 82 -10.04 -29.11 29.88
CA VAL A 82 -8.75 -28.80 29.28
C VAL A 82 -7.67 -29.09 30.31
N GLY A 83 -6.64 -29.81 29.91
CA GLY A 83 -5.59 -30.09 30.86
C GLY A 83 -4.23 -29.71 30.33
N LEU A 84 -4.20 -29.26 29.07
CA LEU A 84 -2.94 -28.97 28.39
C LEU A 84 -3.07 -27.69 27.58
N LEU A 85 -2.18 -26.75 27.86
CA LEU A 85 -1.99 -25.58 27.01
C LEU A 85 -0.77 -25.84 26.11
N ALA A 86 -1.03 -26.10 24.83
CA ALA A 86 0.04 -26.25 23.84
C ALA A 86 0.39 -24.91 23.20
N LEU A 87 1.33 -24.20 23.81
CA LEU A 87 1.74 -22.89 23.33
C LEU A 87 2.69 -23.03 22.14
N ARG A 88 2.24 -22.59 20.97
CA ARG A 88 3.03 -22.67 19.74
C ARG A 88 4.07 -21.56 19.65
N SER A 89 4.67 -21.20 20.77
CA SER A 89 5.63 -20.11 20.83
C SER A 89 6.67 -20.42 21.89
N ALA A 90 7.68 -19.55 21.99
CA ALA A 90 8.60 -19.65 23.12
C ALA A 90 8.10 -18.87 24.32
N GLY A 91 7.35 -17.79 24.11
CA GLY A 91 6.93 -16.93 25.20
C GLY A 91 5.60 -17.34 25.78
N TYR A 92 5.55 -17.44 27.10
CA TYR A 92 4.33 -17.60 27.87
C TYR A 92 3.84 -16.27 28.41
N ASP A 93 4.03 -15.21 27.64
CA ASP A 93 3.77 -13.86 28.14
C ASP A 93 2.28 -13.58 28.24
N HIS A 94 1.47 -14.28 27.46
CA HIS A 94 0.04 -14.03 27.30
C HIS A 94 -0.81 -14.98 28.15
N ILE A 95 -0.17 -15.79 28.98
CA ILE A 95 -0.81 -16.81 29.79
C ILE A 95 -0.68 -16.40 31.25
N ASP A 96 -1.79 -16.39 31.97
CA ASP A 96 -1.70 -16.25 33.42
C ASP A 96 -1.15 -17.55 33.97
N ILE A 97 0.17 -17.66 34.10
CA ILE A 97 0.78 -18.92 34.47
C ILE A 97 0.35 -19.37 35.87
N GLU A 98 0.33 -18.45 36.84
CA GLU A 98 0.06 -18.86 38.21
C GLU A 98 -1.37 -19.38 38.36
N THR A 99 -2.33 -18.75 37.70
CA THR A 99 -3.71 -19.25 37.73
C THR A 99 -3.81 -20.62 37.06
N ALA A 100 -3.06 -20.83 35.97
CA ALA A 100 -3.10 -22.10 35.26
C ALA A 100 -2.49 -23.22 36.11
N LYS A 101 -1.42 -22.91 36.85
CA LYS A 101 -0.83 -23.86 37.80
C LYS A 101 -1.69 -24.06 39.03
N ARG A 102 -2.51 -23.06 39.39
CA ARG A 102 -3.45 -23.24 40.49
C ARG A 102 -4.66 -24.04 40.05
N LEU A 103 -5.12 -23.82 38.82
CA LEU A 103 -6.20 -24.63 38.29
C LEU A 103 -5.74 -26.03 37.92
N GLY A 104 -4.45 -26.24 37.65
CA GLY A 104 -3.97 -27.55 37.27
C GLY A 104 -3.84 -27.79 35.77
N ILE A 105 -3.79 -26.73 34.97
CA ILE A 105 -3.63 -26.87 33.52
C ILE A 105 -2.14 -26.83 33.20
N LYS A 106 -1.63 -27.90 32.59
CA LYS A 106 -0.23 -27.92 32.19
C LYS A 106 -0.03 -26.97 31.02
N VAL A 107 1.14 -26.35 30.98
CA VAL A 107 1.52 -25.44 29.92
C VAL A 107 2.85 -25.91 29.34
N VAL A 108 2.93 -25.98 28.01
CA VAL A 108 4.13 -26.42 27.32
C VAL A 108 4.38 -25.47 26.15
N ASN A 109 5.64 -25.36 25.73
CA ASN A 109 6.02 -24.36 24.75
C ASN A 109 7.02 -24.95 23.76
N VAL A 110 7.39 -24.14 22.77
CA VAL A 110 8.45 -24.45 21.81
C VAL A 110 9.68 -23.65 22.23
N PRO A 111 10.74 -24.29 22.74
CA PRO A 111 11.82 -23.52 23.36
C PRO A 111 12.77 -22.89 22.36
N ALA A 112 13.15 -23.59 21.29
CA ALA A 112 14.12 -23.03 20.35
C ALA A 112 13.55 -23.07 18.93
N TYR A 113 13.37 -21.88 18.34
CA TYR A 113 13.07 -21.77 16.92
C TYR A 113 14.30 -22.18 16.12
N SER A 114 14.35 -21.74 14.88
CA SER A 114 15.58 -21.71 14.10
C SER A 114 16.29 -20.38 14.33
N GLN A 115 17.58 -20.44 14.67
CA GLN A 115 18.32 -19.21 14.88
C GLN A 115 18.80 -18.63 13.58
N HIS A 116 19.08 -19.51 12.60
CA HIS A 116 19.39 -19.06 11.25
C HIS A 116 18.32 -18.11 10.72
N ALA A 117 17.04 -18.41 10.97
CA ALA A 117 15.97 -17.54 10.48
C ALA A 117 16.03 -16.15 11.12
N ILE A 118 16.26 -16.07 12.43
CA ILE A 118 16.35 -14.77 13.09
C ILE A 118 17.53 -13.99 12.52
N ALA A 119 18.69 -14.63 12.41
CA ALA A 119 19.87 -13.95 11.91
C ALA A 119 19.65 -13.42 10.50
N ASP A 120 19.04 -14.25 9.63
CA ASP A 120 18.76 -13.84 8.26
C ASP A 120 17.82 -12.65 8.21
N HIS A 121 16.76 -12.68 9.01
CA HIS A 121 15.80 -11.58 8.96
C HIS A 121 16.42 -10.29 9.47
N THR A 122 17.22 -10.38 10.55
CA THR A 122 17.99 -9.24 11.02
C THR A 122 18.73 -8.57 9.86
N LEU A 123 19.46 -9.36 9.07
CA LEU A 123 20.25 -8.79 7.98
C LEU A 123 19.36 -8.23 6.88
N ALA A 124 18.35 -9.00 6.45
CA ALA A 124 17.33 -8.50 5.53
C ALA A 124 16.82 -7.12 5.92
N ILE A 125 16.34 -7.00 7.16
CA ILE A 125 15.70 -5.75 7.60
C ILE A 125 16.73 -4.63 7.68
N MET A 126 17.99 -5.01 7.92
CA MET A 126 19.09 -4.06 8.02
C MET A 126 19.44 -3.50 6.64
N LEU A 127 19.59 -4.40 5.68
CA LEU A 127 19.95 -4.01 4.32
C LEU A 127 18.80 -3.30 3.61
N ALA A 128 17.55 -3.57 4.00
CA ALA A 128 16.44 -2.79 3.47
C ALA A 128 16.49 -1.35 3.97
N LEU A 129 16.82 -1.16 5.25
CA LEU A 129 16.98 0.19 5.77
C LEU A 129 18.15 0.91 5.11
N ILE A 130 19.28 0.20 4.94
CA ILE A 130 20.48 0.89 4.50
C ILE A 130 20.40 1.17 3.02
N ARG A 131 19.82 0.25 2.27
CA ARG A 131 19.66 0.48 0.85
C ARG A 131 18.36 1.21 0.53
N ARG A 132 17.51 1.47 1.53
CA ARG A 132 16.30 2.31 1.42
C ARG A 132 15.30 1.71 0.43
N LEU A 133 15.07 0.41 0.59
CA LEU A 133 14.11 -0.34 -0.20
C LEU A 133 12.66 0.01 0.15
N HIS A 134 12.38 0.31 1.41
CA HIS A 134 11.04 0.72 1.78
C HIS A 134 10.62 1.95 1.02
N ARG A 135 11.53 2.94 0.90
CA ARG A 135 11.23 4.16 0.16
C ARG A 135 11.14 3.89 -1.34
N ALA A 136 12.06 3.09 -1.87
CA ALA A 136 12.00 2.78 -3.30
C ALA A 136 10.73 2.02 -3.64
N HIS A 137 10.30 1.12 -2.75
CA HIS A 137 9.08 0.35 -2.94
C HIS A 137 7.91 1.26 -3.27
N ASP A 138 7.72 2.29 -2.45
CA ASP A 138 6.64 3.25 -2.63
C ASP A 138 6.90 4.22 -3.77
N LYS A 139 8.16 4.59 -3.97
CA LYS A 139 8.52 5.45 -5.10
C LYS A 139 8.13 4.79 -6.42
N VAL A 140 8.61 3.56 -6.67
CA VAL A 140 8.41 2.94 -7.99
C VAL A 140 6.92 2.70 -8.27
N ARG A 141 6.13 2.38 -7.23
CA ARG A 141 4.71 2.09 -7.46
C ARG A 141 3.98 3.27 -8.09
N LEU A 142 4.49 4.48 -7.89
CA LEU A 142 3.99 5.69 -8.52
C LEU A 142 4.67 5.96 -9.85
N GLY A 143 5.59 5.09 -10.28
CA GLY A 143 6.40 5.37 -11.44
C GLY A 143 7.56 6.31 -11.20
N ASP A 144 7.90 6.60 -9.93
CA ASP A 144 9.01 7.49 -9.58
C ASP A 144 10.28 6.66 -9.43
N PHE A 145 11.07 6.60 -10.49
CA PHE A 145 12.33 5.87 -10.53
C PHE A 145 13.52 6.80 -10.33
N ASP A 146 13.26 8.01 -9.87
CA ASP A 146 14.30 8.95 -9.51
C ASP A 146 14.98 8.49 -8.22
N LEU A 147 16.30 8.34 -8.26
CA LEU A 147 17.05 7.73 -7.16
C LEU A 147 17.34 8.68 -6.00
N ASP A 148 16.89 9.93 -6.04
CA ASP A 148 17.17 10.80 -4.92
C ASP A 148 16.42 10.31 -3.68
N GLY A 149 17.07 10.38 -2.52
CA GLY A 149 16.54 9.84 -1.27
C GLY A 149 16.78 8.36 -1.06
N LEU A 150 17.52 7.70 -1.96
CA LEU A 150 17.68 6.25 -1.94
C LEU A 150 19.14 5.84 -1.74
N MET A 151 20.02 6.80 -1.52
CA MET A 151 21.43 6.48 -1.32
C MET A 151 21.68 5.94 0.08
N GLY A 152 22.39 4.80 0.14
CA GLY A 152 22.92 4.26 1.37
C GLY A 152 24.43 4.33 1.47
N PHE A 153 25.06 3.31 2.04
CA PHE A 153 26.50 3.23 2.20
C PHE A 153 26.93 1.76 2.15
N ASP A 154 28.21 1.54 1.88
CA ASP A 154 28.73 0.18 1.85
C ASP A 154 28.88 -0.36 3.26
N LEU A 155 28.46 -1.62 3.44
CA LEU A 155 28.68 -2.22 4.74
C LEU A 155 30.16 -2.41 4.98
N ASN A 156 30.94 -2.47 3.89
CA ASN A 156 32.40 -2.63 3.91
C ASN A 156 33.09 -1.57 4.75
N GLY A 157 33.85 -2.02 5.76
CA GLY A 157 34.64 -1.15 6.61
C GLY A 157 33.88 -0.50 7.75
N LYS A 158 32.56 -0.49 7.69
CA LYS A 158 31.77 0.00 8.79
C LYS A 158 31.95 -0.88 10.03
N VAL A 159 31.83 -0.25 11.18
CA VAL A 159 31.90 -0.95 12.46
C VAL A 159 30.49 -1.38 12.89
N ALA A 160 30.33 -2.68 13.09
CA ALA A 160 29.05 -3.25 13.45
C ALA A 160 29.15 -3.84 14.83
N GLY A 161 28.25 -3.41 15.73
CA GLY A 161 28.23 -3.88 17.11
C GLY A 161 27.07 -4.80 17.45
N VAL A 162 27.38 -6.05 17.76
CA VAL A 162 26.39 -7.05 18.13
C VAL A 162 26.37 -7.18 19.65
N ILE A 163 25.20 -7.01 20.24
CA ILE A 163 25.00 -7.11 21.69
C ILE A 163 24.28 -8.43 21.94
N GLY A 164 24.94 -9.34 22.66
CA GLY A 164 24.36 -10.65 22.92
C GLY A 164 24.88 -11.66 21.93
N LEU A 165 25.53 -12.72 22.40
CA LEU A 165 26.34 -13.59 21.55
C LEU A 165 25.98 -15.05 21.73
N GLY A 166 24.70 -15.34 21.93
CA GLY A 166 24.19 -16.68 21.73
C GLY A 166 24.28 -17.05 20.26
N LYS A 167 23.63 -18.15 19.85
CA LYS A 167 23.71 -18.55 18.46
C LYS A 167 23.20 -17.45 17.53
N ILE A 168 22.06 -16.83 17.86
CA ILE A 168 21.53 -15.72 17.06
C ILE A 168 22.59 -14.62 16.89
N GLY A 169 23.12 -14.12 18.01
CA GLY A 169 24.12 -13.06 17.92
C GLY A 169 25.36 -13.49 17.16
N ARG A 170 25.84 -14.73 17.41
CA ARG A 170 26.97 -15.26 16.64
C ARG A 170 26.63 -15.35 15.16
N LEU A 171 25.44 -15.87 14.83
CA LEU A 171 25.06 -16.03 13.43
C LEU A 171 24.90 -14.70 12.72
N VAL A 172 24.57 -13.64 13.46
CA VAL A 172 24.48 -12.32 12.83
C VAL A 172 25.88 -11.78 12.57
N ALA A 173 26.80 -11.96 13.51
CA ALA A 173 28.19 -11.56 13.29
C ALA A 173 28.79 -12.30 12.11
N THR A 174 28.54 -13.62 12.01
CA THR A 174 29.01 -14.40 10.87
C THR A 174 28.58 -13.77 9.55
N ARG A 175 27.32 -13.30 9.47
CA ARG A 175 26.86 -12.61 8.27
C ARG A 175 27.57 -11.27 8.11
N LEU A 176 27.61 -10.47 9.16
CA LEU A 176 28.10 -9.10 9.00
C LEU A 176 29.55 -9.08 8.55
N LYS A 177 30.36 -10.04 9.02
CA LYS A 177 31.76 -10.14 8.60
C LYS A 177 31.90 -10.42 7.11
N ALA A 178 30.90 -11.01 6.45
CA ALA A 178 31.01 -11.25 5.02
C ALA A 178 30.64 -10.04 4.17
N PHE A 179 30.16 -8.97 4.78
CA PHE A 179 29.89 -7.73 4.04
C PHE A 179 31.05 -6.75 4.13
N GLY A 180 32.20 -7.20 4.65
CA GLY A 180 33.32 -6.32 4.91
C GLY A 180 33.25 -5.55 6.22
N CYS A 181 32.41 -5.97 7.16
CA CYS A 181 32.18 -5.22 8.38
C CYS A 181 33.22 -5.54 9.45
N LYS A 182 33.56 -4.53 10.25
CA LYS A 182 34.34 -4.74 11.47
C LYS A 182 33.35 -5.03 12.59
N VAL A 183 33.38 -6.27 13.09
CA VAL A 183 32.34 -6.76 13.98
C VAL A 183 32.87 -6.73 15.41
N LEU A 184 32.32 -5.79 16.18
CA LEU A 184 32.46 -5.69 17.62
C LEU A 184 31.27 -6.42 18.25
N GLY A 185 31.47 -6.90 19.47
CA GLY A 185 30.42 -7.59 20.20
C GLY A 185 30.57 -7.39 21.69
N TYR A 186 29.45 -7.36 22.39
CA TYR A 186 29.48 -7.34 23.84
C TYR A 186 28.65 -8.48 24.41
N ASP A 187 29.17 -9.13 25.44
CA ASP A 187 28.45 -10.16 26.18
C ASP A 187 29.28 -10.61 27.37
N PRO A 188 28.85 -10.29 28.60
CA PRO A 188 29.65 -10.66 29.77
C PRO A 188 29.89 -12.15 29.89
N TYR A 189 29.08 -12.97 29.23
CA TYR A 189 29.24 -14.41 29.21
C TYR A 189 29.61 -14.82 27.79
N ILE A 190 30.76 -15.47 27.67
CA ILE A 190 31.34 -15.99 26.42
C ILE A 190 31.80 -14.89 25.46
N GLN A 191 32.87 -15.22 24.75
CA GLN A 191 33.62 -14.29 23.92
C GLN A 191 33.98 -15.10 22.69
N PRO A 192 33.12 -15.10 21.67
CA PRO A 192 33.36 -15.96 20.51
C PRO A 192 34.54 -15.44 19.71
N GLU A 193 35.11 -16.34 18.91
CA GLU A 193 36.22 -15.94 18.05
C GLU A 193 35.76 -15.13 16.85
N ILE A 194 34.48 -15.21 16.47
CA ILE A 194 33.99 -14.47 15.30
C ILE A 194 33.97 -12.97 15.52
N VAL A 195 34.27 -12.51 16.73
CA VAL A 195 33.98 -11.16 17.16
C VAL A 195 35.17 -10.56 17.89
N GLU A 196 35.35 -9.26 17.72
CA GLU A 196 36.23 -8.49 18.62
C GLU A 196 35.40 -8.16 19.87
N ASN A 197 35.63 -8.91 20.94
CA ASN A 197 34.94 -8.65 22.20
C ASN A 197 35.45 -7.35 22.81
N VAL A 198 34.51 -6.45 23.11
CA VAL A 198 34.77 -5.13 23.67
C VAL A 198 33.80 -4.89 24.81
N ASP A 199 33.97 -3.75 25.48
CA ASP A 199 33.01 -3.29 26.48
C ASP A 199 31.80 -2.66 25.81
N LEU A 200 30.66 -2.73 26.49
CA LEU A 200 29.42 -2.16 25.98
C LEU A 200 29.60 -0.70 25.55
N ASP A 201 30.27 0.12 26.37
CA ASP A 201 30.42 1.52 26.00
C ASP A 201 31.23 1.69 24.73
N THR A 202 32.19 0.80 24.47
CA THR A 202 32.95 0.90 23.23
C THR A 202 32.06 0.54 22.05
N LEU A 203 31.22 -0.48 22.22
CA LEU A 203 30.25 -0.82 21.20
C LEU A 203 29.30 0.36 20.93
N ILE A 204 28.79 0.97 22.00
CA ILE A 204 27.79 2.02 21.86
C ILE A 204 28.39 3.20 21.11
N THR A 205 29.61 3.59 21.47
CA THR A 205 30.19 4.83 20.98
C THR A 205 30.85 4.68 19.61
N GLN A 206 31.39 3.49 19.29
CA GLN A 206 32.13 3.34 18.04
C GLN A 206 31.31 2.79 16.87
N ALA A 207 30.18 2.10 17.13
CA ALA A 207 29.51 1.34 16.07
C ALA A 207 28.72 2.21 15.10
N ASP A 208 28.89 1.95 13.81
CA ASP A 208 28.01 2.52 12.79
C ASP A 208 26.65 1.84 12.78
N ILE A 209 26.65 0.51 12.91
CA ILE A 209 25.46 -0.33 12.91
C ILE A 209 25.45 -1.10 14.22
N ILE A 210 24.31 -1.08 14.94
CA ILE A 210 24.13 -1.86 16.16
C ILE A 210 22.95 -2.78 15.99
N SER A 211 23.13 -4.05 16.39
CA SER A 211 22.07 -5.05 16.36
C SER A 211 21.98 -5.76 17.72
N ILE A 212 20.81 -5.70 18.35
CA ILE A 212 20.60 -6.30 19.67
C ILE A 212 20.12 -7.74 19.48
N HIS A 213 20.72 -8.65 20.24
CA HIS A 213 20.37 -10.08 20.20
C HIS A 213 20.58 -10.68 21.57
N CYS A 214 20.01 -10.02 22.58
CA CYS A 214 20.04 -10.44 23.97
C CYS A 214 18.62 -10.48 24.50
N PRO A 215 18.38 -11.26 25.56
CA PRO A 215 17.09 -11.20 26.28
C PRO A 215 16.87 -9.87 27.01
N LEU A 216 15.70 -9.73 27.61
CA LEU A 216 15.30 -8.51 28.31
C LEU A 216 15.32 -8.78 29.82
N THR A 217 16.09 -7.99 30.55
CA THR A 217 16.09 -8.09 32.01
C THR A 217 15.50 -6.83 32.61
N ARG A 218 15.28 -6.88 33.91
CA ARG A 218 14.76 -5.70 34.61
C ARG A 218 15.80 -4.61 34.69
N GLU A 219 17.09 -4.95 34.54
CA GLU A 219 18.15 -3.96 34.38
C GLU A 219 18.39 -3.59 32.94
N ASN A 220 17.91 -4.40 32.01
CA ASN A 220 17.97 -4.12 30.58
C ASN A 220 16.98 -3.08 30.13
N PHE A 221 15.80 -3.05 30.76
CA PHE A 221 14.64 -2.35 30.24
C PHE A 221 14.98 -0.92 29.85
N HIS A 222 14.53 -0.51 28.64
CA HIS A 222 14.83 0.81 28.05
C HIS A 222 16.32 1.09 28.02
N MET A 223 17.10 0.02 27.82
CA MET A 223 18.54 0.14 27.62
C MET A 223 18.89 1.23 26.61
N PHE A 224 18.15 1.29 25.50
CA PHE A 224 18.34 2.36 24.52
C PHE A 224 17.35 3.45 24.87
N ASN A 225 17.82 4.41 25.66
CA ASN A 225 17.04 5.57 26.08
C ASN A 225 17.72 6.81 25.51
N GLU A 226 17.23 7.99 25.91
CA GLU A 226 17.79 9.24 25.42
C GLU A 226 19.31 9.28 25.59
N GLU A 227 19.78 8.99 26.81
CA GLU A 227 21.21 9.03 27.07
C GLU A 227 22.00 8.12 26.13
N THR A 228 21.53 6.88 25.94
CA THR A 228 22.19 5.94 25.04
C THR A 228 22.24 6.48 23.61
N PHE A 229 21.20 7.21 23.18
CA PHE A 229 21.15 7.80 21.85
C PHE A 229 22.08 9.00 21.74
N LYS A 230 22.25 9.76 22.84
CA LYS A 230 23.20 10.86 22.87
C LYS A 230 24.63 10.35 22.74
N ARG A 231 24.91 9.17 23.29
CA ARG A 231 26.25 8.64 23.29
C ARG A 231 26.59 7.89 22.00
N MET A 232 25.61 7.45 21.23
CA MET A 232 25.94 6.70 20.02
C MET A 232 26.52 7.62 18.96
N LYS A 233 27.18 7.02 17.99
CA LYS A 233 27.84 7.78 16.94
C LYS A 233 26.79 8.48 16.07
N PRO A 234 27.01 9.75 15.73
CA PRO A 234 26.08 10.44 14.85
C PRO A 234 25.87 9.69 13.53
N GLY A 235 24.60 9.52 13.16
CA GLY A 235 24.23 8.84 11.93
C GLY A 235 24.05 7.34 12.02
N ALA A 236 24.08 6.74 13.22
CA ALA A 236 24.18 5.29 13.38
C ALA A 236 22.85 4.57 13.15
N ILE A 237 22.96 3.30 12.76
CA ILE A 237 21.83 2.41 12.49
C ILE A 237 21.66 1.45 13.67
N LEU A 238 20.50 1.48 14.32
CA LEU A 238 20.12 0.51 15.35
C LEU A 238 19.15 -0.52 14.80
N VAL A 239 19.29 -1.78 15.23
CA VAL A 239 18.50 -2.91 14.73
C VAL A 239 18.04 -3.79 15.91
N ASN A 240 16.75 -4.10 15.95
CA ASN A 240 16.16 -4.82 17.10
C ASN A 240 15.26 -5.96 16.65
N THR A 241 15.81 -7.17 16.63
CA THR A 241 15.03 -8.37 16.45
C THR A 241 14.87 -9.16 17.75
N ALA A 242 15.31 -8.61 18.88
CA ALA A 242 15.38 -9.36 20.13
C ALA A 242 14.10 -9.21 20.95
N ARG A 243 14.00 -8.10 21.71
CA ARG A 243 12.84 -7.80 22.51
C ARG A 243 12.58 -6.31 22.43
N GLY A 244 11.31 -5.92 22.28
CA GLY A 244 10.98 -4.51 22.14
C GLY A 244 11.28 -3.71 23.40
N GLY A 245 11.23 -4.36 24.57
CA GLY A 245 11.50 -3.69 25.83
C GLY A 245 12.85 -3.00 25.89
N LEU A 246 13.83 -3.48 25.12
CA LEU A 246 15.19 -2.96 25.24
C LEU A 246 15.32 -1.52 24.76
N ILE A 247 14.35 -1.01 24.02
CA ILE A 247 14.40 0.33 23.42
C ILE A 247 13.25 1.16 23.97
N ASP A 248 13.55 2.37 24.42
CA ASP A 248 12.55 3.39 24.72
C ASP A 248 12.07 4.02 23.41
N THR A 249 10.86 3.66 22.97
CA THR A 249 10.39 4.07 21.65
C THR A 249 10.28 5.59 21.56
N LYS A 250 9.84 6.23 22.64
CA LYS A 250 9.77 7.69 22.63
C LYS A 250 11.13 8.29 22.28
N ALA A 251 12.16 7.89 23.03
CA ALA A 251 13.51 8.38 22.76
C ALA A 251 13.95 8.02 21.33
N LEU A 252 13.67 6.80 20.87
CA LEU A 252 14.01 6.44 19.49
C LEU A 252 13.37 7.40 18.49
N LEU A 253 12.06 7.63 18.64
CA LEU A 253 11.35 8.57 17.78
C LEU A 253 11.99 9.96 17.81
N GLU A 254 12.36 10.46 19.00
CA GLU A 254 13.04 11.74 19.08
C GLU A 254 14.43 11.66 18.46
N ALA A 255 15.21 10.65 18.81
CA ALA A 255 16.51 10.50 18.18
C ALA A 255 16.37 10.41 16.67
N LEU A 256 15.25 9.85 16.18
CA LEU A 256 15.07 9.64 14.75
C LEU A 256 14.69 10.93 14.04
N LYS A 257 13.82 11.74 14.65
CA LYS A 257 13.33 12.97 14.01
C LYS A 257 14.39 14.07 13.99
N SER A 258 15.40 14.00 14.87
CA SER A 258 16.43 15.01 15.03
C SER A 258 17.66 14.83 14.13
N GLY A 259 17.95 13.62 13.67
CA GLY A 259 19.09 13.37 12.83
C GLY A 259 20.26 12.71 13.53
N LYS A 260 20.19 12.58 14.86
CA LYS A 260 21.26 11.93 15.59
C LYS A 260 21.35 10.45 15.23
N LEU A 261 20.21 9.83 14.96
CA LEU A 261 20.13 8.43 14.63
C LEU A 261 19.90 8.31 13.14
N GLY A 262 20.86 7.72 12.43
CA GLY A 262 20.70 7.56 11.00
C GLY A 262 19.47 6.76 10.65
N GLY A 263 19.18 5.72 11.42
CA GLY A 263 17.97 4.95 11.20
C GLY A 263 17.81 3.87 12.24
N ALA A 264 16.63 3.27 12.24
CA ALA A 264 16.28 2.14 13.08
C ALA A 264 15.59 1.12 12.20
N ALA A 265 15.94 -0.16 12.31
CA ALA A 265 15.19 -1.24 11.70
C ALA A 265 14.74 -2.20 12.81
N LEU A 266 13.43 -2.45 12.88
CA LEU A 266 12.85 -3.06 14.08
C LEU A 266 11.92 -4.21 13.70
N ASP A 267 12.16 -5.38 14.33
CA ASP A 267 11.24 -6.50 14.25
C ASP A 267 10.37 -6.64 15.49
N VAL A 268 10.76 -6.00 16.58
CA VAL A 268 10.05 -6.10 17.85
C VAL A 268 9.72 -4.68 18.25
N TYR A 269 8.80 -4.55 19.20
CA TYR A 269 8.33 -3.24 19.64
C TYR A 269 7.73 -3.38 21.03
N GLU A 270 8.18 -2.56 21.98
CA GLU A 270 7.47 -2.54 23.26
C GLU A 270 6.01 -2.22 22.98
N TYR A 271 5.10 -2.70 23.81
CA TYR A 271 3.67 -2.52 23.52
C TYR A 271 3.25 -3.22 22.22
N GLU A 272 3.96 -4.26 21.79
CA GLU A 272 3.47 -5.06 20.67
C GLU A 272 2.44 -6.08 21.10
N ARG A 273 2.30 -6.32 22.40
CA ARG A 273 1.64 -7.50 22.97
C ARG A 273 0.13 -7.56 22.80
N GLY A 274 -0.41 -6.78 21.88
CA GLY A 274 -1.79 -6.97 21.50
C GLY A 274 -2.03 -6.48 20.10
N LEU A 275 -1.01 -5.83 19.54
CA LEU A 275 -1.13 -5.30 18.20
C LEU A 275 -0.58 -6.26 17.17
N PHE A 276 0.64 -6.75 17.38
CA PHE A 276 1.27 -7.65 16.42
C PHE A 276 0.47 -8.93 16.28
N PHE A 277 0.53 -9.52 15.09
CA PHE A 277 0.04 -10.85 14.70
C PHE A 277 -1.45 -10.85 14.40
N LYS A 278 -2.10 -9.69 14.41
CA LYS A 278 -3.53 -9.58 14.18
C LYS A 278 -3.78 -8.62 13.02
N ASN A 279 -4.82 -8.90 12.25
CA ASN A 279 -5.22 -8.04 11.13
C ASN A 279 -6.19 -6.96 11.64
N HIS A 280 -5.68 -5.74 11.85
CA HIS A 280 -6.47 -4.58 12.21
C HIS A 280 -6.86 -3.70 11.02
N GLN A 281 -7.06 -4.31 9.84
CA GLN A 281 -7.36 -3.54 8.62
C GLN A 281 -8.59 -2.65 8.78
N LYS A 282 -9.61 -3.12 9.51
CA LYS A 282 -10.85 -2.34 9.63
C LYS A 282 -10.58 -0.98 10.28
N GLU A 283 -9.85 -0.95 11.37
CA GLU A 283 -9.32 0.30 11.88
C GLU A 283 -8.04 0.58 11.11
N GLY A 284 -7.19 1.44 11.63
CA GLY A 284 -5.89 1.50 10.98
C GLY A 284 -4.81 1.22 11.98
N ILE A 285 -3.98 2.22 12.23
CA ILE A 285 -2.96 2.17 13.25
C ILE A 285 -3.38 3.17 14.32
N LYS A 286 -3.98 2.66 15.39
CA LYS A 286 -4.35 3.49 16.53
C LYS A 286 -3.15 3.87 17.39
N ASP A 287 -2.09 3.04 17.38
CA ASP A 287 -0.94 3.26 18.25
C ASP A 287 -0.24 4.58 17.91
N PRO A 288 -0.03 5.48 18.88
CA PRO A 288 0.65 6.75 18.57
C PRO A 288 2.06 6.60 18.04
N TYR A 289 2.81 5.59 18.51
CA TYR A 289 4.22 5.50 18.18
C TYR A 289 4.43 4.81 16.83
N LEU A 290 3.61 3.79 16.56
CA LEU A 290 3.69 3.06 15.29
C LEU A 290 3.42 3.97 14.10
N ALA A 291 2.40 4.83 14.21
CA ALA A 291 2.12 5.71 13.09
C ALA A 291 3.31 6.61 12.80
N GLN A 292 3.92 7.15 13.85
CA GLN A 292 5.05 8.05 13.67
C GLN A 292 6.28 7.30 13.15
N LEU A 293 6.43 6.04 13.54
CA LEU A 293 7.57 5.26 13.08
C LEU A 293 7.45 4.95 11.60
N LEU A 294 6.26 4.52 11.18
CA LEU A 294 6.04 4.13 9.80
C LEU A 294 6.14 5.33 8.86
N GLY A 295 5.72 6.50 9.31
CA GLY A 295 5.88 7.68 8.48
C GLY A 295 7.31 8.18 8.36
N LEU A 296 8.25 7.60 9.10
CA LEU A 296 9.64 8.03 9.06
C LEU A 296 10.40 7.21 8.02
N ALA A 297 11.19 7.92 7.21
CA ALA A 297 11.88 7.35 6.06
C ALA A 297 13.16 6.60 6.43
N ASN A 298 13.62 6.70 7.67
CA ASN A 298 14.77 5.94 8.11
C ASN A 298 14.36 4.87 9.13
N VAL A 299 13.21 4.21 8.91
CA VAL A 299 12.78 3.16 9.84
C VAL A 299 12.82 1.76 9.21
N VAL A 300 11.79 1.33 8.50
CA VAL A 300 11.62 -0.10 8.22
C VAL A 300 11.21 -0.79 9.50
N LEU A 301 10.10 -1.53 9.43
CA LEU A 301 9.53 -2.20 10.58
C LEU A 301 8.75 -3.40 10.08
N THR A 302 8.82 -4.51 10.82
CA THR A 302 8.09 -5.71 10.48
C THR A 302 7.40 -6.23 11.72
N GLY A 303 6.40 -7.07 11.48
CA GLY A 303 5.51 -7.51 12.54
C GLY A 303 6.00 -8.72 13.28
N HIS A 304 7.22 -8.64 13.79
CA HIS A 304 7.82 -9.72 14.52
C HIS A 304 7.78 -11.01 13.71
N GLN A 305 8.35 -10.93 12.52
CA GLN A 305 8.40 -12.06 11.60
C GLN A 305 9.82 -12.61 11.40
N ALA A 306 10.74 -12.37 12.35
CA ALA A 306 12.08 -12.93 12.20
C ALA A 306 12.06 -14.46 12.15
N PHE A 307 11.13 -15.10 12.87
CA PHE A 307 11.01 -16.56 12.92
C PHE A 307 10.25 -17.14 11.74
N LEU A 308 9.66 -16.30 10.90
CA LEU A 308 8.67 -16.76 9.93
C LEU A 308 9.36 -17.30 8.69
N THR A 309 9.98 -18.48 8.87
CA THR A 309 10.49 -19.28 7.77
C THR A 309 9.95 -20.70 7.86
N ARG A 310 9.79 -21.32 6.69
CA ARG A 310 9.37 -22.72 6.62
C ARG A 310 10.08 -23.59 7.64
N GLU A 311 11.42 -23.50 7.67
CA GLU A 311 12.22 -24.37 8.52
C GLU A 311 11.91 -24.15 9.99
N ALA A 312 11.75 -22.89 10.41
CA ALA A 312 11.45 -22.61 11.80
C ALA A 312 10.00 -22.95 12.15
N VAL A 313 9.08 -22.79 11.18
CA VAL A 313 7.66 -23.06 11.42
C VAL A 313 7.40 -24.56 11.51
N LYS A 314 7.96 -25.32 10.56
CA LYS A 314 7.99 -26.77 10.66
C LYS A 314 8.49 -27.22 12.05
N ASN A 315 9.50 -26.53 12.58
CA ASN A 315 9.99 -26.84 13.92
C ASN A 315 8.93 -26.57 14.99
N ILE A 316 8.27 -25.42 14.93
CA ILE A 316 7.27 -25.08 15.95
C ILE A 316 6.12 -26.09 15.94
N GLU A 317 5.70 -26.52 14.76
CA GLU A 317 4.56 -27.43 14.71
C GLU A 317 4.95 -28.84 15.16
N GLU A 318 6.09 -29.34 14.67
CA GLU A 318 6.59 -30.64 15.10
C GLU A 318 6.80 -30.70 16.61
N THR A 319 7.38 -29.64 17.19
CA THR A 319 7.58 -29.61 18.64
C THR A 319 6.26 -29.57 19.40
N THR A 320 5.24 -28.90 18.83
CA THR A 320 3.92 -28.88 19.45
C THR A 320 3.26 -30.24 19.39
N VAL A 321 3.37 -30.93 18.24
CA VAL A 321 2.87 -32.29 18.14
C VAL A 321 3.59 -33.17 19.15
N GLU A 322 4.91 -33.04 19.21
CA GLU A 322 5.68 -33.82 20.19
C GLU A 322 5.19 -33.54 21.61
N ASN A 323 4.86 -32.29 21.91
CA ASN A 323 4.51 -31.93 23.28
C ASN A 323 3.16 -32.52 23.68
N ILE A 324 2.18 -32.46 22.79
CA ILE A 324 0.87 -33.04 23.10
C ILE A 324 0.98 -34.55 23.26
N LEU A 325 1.59 -35.22 22.27
CA LEU A 325 1.79 -36.67 22.35
C LEU A 325 2.52 -37.07 23.62
N GLU A 326 3.48 -36.26 24.06
CA GLU A 326 4.20 -36.55 25.29
C GLU A 326 3.32 -36.40 26.54
N TRP A 327 2.24 -35.63 26.47
CA TRP A 327 1.53 -35.25 27.69
C TRP A 327 0.72 -36.42 28.25
N GLN A 328 1.04 -36.81 29.49
CA GLN A 328 0.37 -37.84 30.27
C GLN A 328 0.02 -37.27 31.64
N LYS A 329 1.01 -37.13 32.51
CA LYS A 329 0.82 -36.51 33.81
C LYS A 329 2.13 -36.33 34.58
N ASN A 330 3.24 -36.53 33.90
CA ASN A 330 4.45 -36.13 34.60
C ASN A 330 4.96 -34.80 34.07
N PRO A 331 5.60 -33.97 34.91
CA PRO A 331 6.27 -32.76 34.42
C PRO A 331 7.05 -32.95 33.11
N GLN A 332 6.66 -32.21 32.07
CA GLN A 332 7.09 -32.41 30.70
C GLN A 332 8.48 -31.85 30.46
N ALA A 333 9.03 -32.17 29.28
CA ALA A 333 10.33 -31.62 28.90
C ALA A 333 10.28 -30.10 28.85
N LYS A 334 9.13 -29.54 28.48
CA LYS A 334 8.99 -28.11 28.25
C LYS A 334 7.89 -27.48 29.12
N LEU A 335 7.57 -28.09 30.26
CA LEU A 335 6.67 -27.48 31.23
C LEU A 335 7.29 -26.19 31.78
N LYS A 336 6.51 -25.44 32.56
CA LYS A 336 7.01 -24.23 33.22
C LYS A 336 7.20 -24.43 34.71
N PRO B 14 -35.24 -29.67 12.49
CA PRO B 14 -33.78 -29.62 12.35
C PRO B 14 -33.30 -29.22 10.94
N MET B 15 -33.70 -28.03 10.49
CA MET B 15 -33.49 -27.61 9.10
C MET B 15 -32.17 -26.83 8.98
N LYS B 16 -31.26 -27.32 8.15
CA LYS B 16 -29.85 -26.93 8.18
C LYS B 16 -29.50 -26.07 6.96
N VAL B 17 -28.89 -24.91 7.21
CA VAL B 17 -28.47 -23.99 6.16
C VAL B 17 -27.02 -23.60 6.37
N ILE B 18 -26.19 -23.91 5.38
CA ILE B 18 -24.79 -23.49 5.38
C ILE B 18 -24.64 -22.25 4.49
N PHE B 19 -23.83 -21.29 4.94
CA PHE B 19 -23.53 -20.09 4.16
C PHE B 19 -22.08 -20.17 3.69
N PHE B 20 -21.89 -20.22 2.38
CA PHE B 20 -20.55 -20.14 1.81
C PHE B 20 -20.17 -18.68 1.59
N SER B 21 -18.86 -18.42 1.59
CA SER B 21 -18.31 -17.09 1.28
C SER B 21 -18.91 -16.02 2.20
N MET B 22 -19.18 -16.42 3.45
CA MET B 22 -19.58 -15.47 4.47
C MET B 22 -18.53 -14.38 4.65
N HIS B 23 -18.99 -13.16 4.98
CA HIS B 23 -18.17 -11.99 5.29
C HIS B 23 -18.69 -11.32 6.55
N PRO B 24 -17.83 -10.64 7.30
CA PRO B 24 -18.31 -9.96 8.52
C PRO B 24 -19.34 -8.89 8.24
N TYR B 25 -19.15 -8.09 7.18
CA TYR B 25 -20.13 -7.08 6.80
C TYR B 25 -21.49 -7.68 6.47
N GLU B 26 -21.55 -8.98 6.14
CA GLU B 26 -22.80 -9.70 5.94
C GLU B 26 -23.39 -10.25 7.23
N GLU B 27 -22.57 -10.98 8.01
CA GLU B 27 -23.11 -11.66 9.19
C GLU B 27 -23.59 -10.67 10.25
N GLU B 28 -23.02 -9.46 10.26
CA GLU B 28 -23.49 -8.42 11.16
C GLU B 28 -24.88 -7.91 10.77
N PHE B 29 -25.25 -8.06 9.50
CA PHE B 29 -26.56 -7.60 9.04
C PHE B 29 -27.58 -8.72 8.87
N LEU B 30 -27.18 -9.98 8.91
CA LEU B 30 -28.13 -11.08 8.87
C LEU B 30 -28.92 -11.21 10.16
N GLY B 31 -29.26 -10.09 10.80
CA GLY B 31 -29.99 -10.08 12.06
C GLY B 31 -29.29 -10.81 13.19
N PRO B 32 -30.05 -11.53 14.00
CA PRO B 32 -29.46 -12.62 14.78
C PRO B 32 -28.79 -13.55 13.78
N ILE B 33 -29.47 -14.63 13.40
CA ILE B 33 -29.39 -15.15 12.03
C ILE B 33 -30.66 -14.85 11.27
N LEU B 34 -31.72 -14.37 11.95
CA LEU B 34 -33.10 -14.32 11.49
C LEU B 34 -33.51 -15.74 11.11
N PRO B 35 -33.64 -16.69 12.09
CA PRO B 35 -33.83 -18.12 11.73
C PRO B 35 -34.84 -18.40 10.64
N SER B 36 -34.39 -18.42 9.39
CA SER B 36 -35.13 -18.97 8.26
C SER B 36 -35.37 -20.45 8.49
N ASP B 37 -34.33 -21.24 8.25
CA ASP B 37 -34.19 -22.53 8.91
C ASP B 37 -33.24 -22.32 10.09
N TRP B 38 -33.17 -23.29 11.00
CA TRP B 38 -32.51 -23.02 12.27
C TRP B 38 -31.02 -23.31 12.28
N ASP B 39 -30.62 -24.53 11.94
CA ASP B 39 -29.22 -24.90 12.09
C ASP B 39 -28.37 -24.22 11.02
N VAL B 40 -27.41 -23.41 11.45
CA VAL B 40 -26.70 -22.48 10.58
C VAL B 40 -25.21 -22.68 10.77
N GLU B 41 -24.50 -22.93 9.67
CA GLU B 41 -23.05 -22.91 9.60
C GLU B 41 -22.59 -21.85 8.59
N MET B 42 -21.55 -21.11 8.94
CA MET B 42 -21.02 -20.10 8.06
C MET B 42 -19.55 -20.35 7.80
N THR B 43 -19.14 -20.31 6.54
CA THR B 43 -17.71 -20.26 6.33
C THR B 43 -17.30 -19.09 5.44
N PRO B 44 -16.19 -18.40 5.76
CA PRO B 44 -15.67 -17.41 4.81
C PRO B 44 -15.16 -18.03 3.53
N ASP B 45 -14.87 -19.32 3.54
CA ASP B 45 -14.23 -19.99 2.40
C ASP B 45 -15.16 -20.04 1.21
N PHE B 46 -14.60 -19.89 0.01
CA PHE B 46 -15.44 -19.93 -1.17
C PHE B 46 -15.64 -21.38 -1.61
N LEU B 47 -16.78 -21.62 -2.27
CA LEU B 47 -17.18 -22.98 -2.64
C LEU B 47 -16.51 -23.42 -3.93
N ASP B 48 -15.98 -24.63 -3.91
CA ASP B 48 -15.52 -25.34 -5.09
C ASP B 48 -15.52 -26.83 -4.76
N GLU B 49 -14.77 -27.63 -5.53
CA GLU B 49 -14.63 -29.06 -5.26
C GLU B 49 -13.89 -29.32 -3.96
N THR B 50 -12.97 -28.44 -3.57
CA THR B 50 -12.18 -28.67 -2.36
C THR B 50 -12.96 -28.39 -1.09
N THR B 51 -14.15 -27.80 -1.19
CA THR B 51 -14.89 -27.38 0.00
C THR B 51 -16.34 -27.84 0.02
N VAL B 52 -16.85 -28.41 -1.07
CA VAL B 52 -18.28 -28.70 -1.20
C VAL B 52 -18.78 -29.61 -0.09
N GLU B 53 -17.91 -30.47 0.43
CA GLU B 53 -18.34 -31.45 1.41
C GLU B 53 -18.73 -30.81 2.73
N LYS B 54 -18.32 -29.56 2.96
CA LYS B 54 -18.80 -28.83 4.11
C LYS B 54 -20.32 -28.71 4.13
N ALA B 55 -20.96 -28.89 2.97
CA ALA B 55 -22.39 -28.72 2.78
C ALA B 55 -23.21 -30.00 3.05
N LYS B 56 -22.59 -31.07 3.55
CA LYS B 56 -23.32 -32.30 3.85
C LYS B 56 -24.31 -32.09 5.00
N GLY B 57 -25.58 -32.40 4.74
CA GLY B 57 -26.61 -32.28 5.74
C GLY B 57 -27.47 -31.06 5.61
N ALA B 58 -27.05 -30.08 4.83
CA ALA B 58 -27.80 -28.85 4.64
C ALA B 58 -28.76 -29.01 3.49
N GLN B 59 -30.02 -28.62 3.70
CA GLN B 59 -30.97 -28.57 2.59
C GLN B 59 -30.88 -27.28 1.79
N VAL B 60 -30.32 -26.23 2.39
CA VAL B 60 -30.11 -24.93 1.76
C VAL B 60 -28.64 -24.61 1.81
N VAL B 61 -28.09 -24.23 0.67
CA VAL B 61 -26.75 -23.67 0.58
C VAL B 61 -26.90 -22.25 0.07
N SER B 62 -26.41 -21.29 0.84
CA SER B 62 -26.40 -19.89 0.43
C SER B 62 -25.00 -19.51 -0.08
N LEU B 63 -24.97 -18.80 -1.20
CA LEU B 63 -23.73 -18.54 -1.93
C LEU B 63 -23.51 -17.05 -2.14
N PHE B 64 -22.28 -16.72 -2.52
CA PHE B 64 -21.92 -15.42 -3.07
C PHE B 64 -21.24 -15.65 -4.42
N VAL B 65 -21.03 -14.55 -5.15
CA VAL B 65 -20.45 -14.61 -6.49
C VAL B 65 -19.07 -15.23 -6.49
N SER B 66 -18.37 -15.21 -5.36
CA SER B 66 -17.08 -15.86 -5.23
C SER B 66 -17.16 -17.39 -5.17
N ASP B 67 -18.35 -17.97 -5.20
CA ASP B 67 -18.52 -19.40 -5.10
C ASP B 67 -18.77 -19.98 -6.48
N LYS B 68 -18.26 -21.20 -6.70
CA LYS B 68 -18.40 -21.88 -7.98
C LYS B 68 -19.33 -23.08 -7.80
N ALA B 69 -20.49 -23.02 -8.42
CA ALA B 69 -21.44 -24.12 -8.48
C ALA B 69 -21.55 -24.54 -9.94
N ASP B 70 -20.58 -25.32 -10.40
CA ASP B 70 -20.62 -25.93 -11.72
C ASP B 70 -21.31 -27.28 -11.62
N GLY B 71 -21.42 -27.99 -12.74
CA GLY B 71 -21.98 -29.34 -12.77
C GLY B 71 -21.47 -30.28 -11.69
N PRO B 72 -20.15 -30.55 -11.69
CA PRO B 72 -19.57 -31.36 -10.61
C PRO B 72 -19.99 -30.98 -9.20
N VAL B 73 -20.09 -29.69 -8.90
CA VAL B 73 -20.47 -29.27 -7.54
C VAL B 73 -21.96 -29.48 -7.31
N LEU B 74 -22.77 -29.23 -8.34
CA LEU B 74 -24.22 -29.44 -8.22
C LEU B 74 -24.55 -30.92 -8.07
N GLU B 75 -23.88 -31.79 -8.84
CA GLU B 75 -24.10 -33.22 -8.66
C GLU B 75 -23.82 -33.65 -7.23
N ALA B 76 -22.83 -33.01 -6.60
CA ALA B 76 -22.50 -33.30 -5.21
C ALA B 76 -23.49 -32.68 -4.24
N LEU B 77 -24.09 -31.54 -4.60
CA LEU B 77 -25.08 -30.96 -3.71
C LEU B 77 -26.42 -31.69 -3.82
N HIS B 78 -26.85 -32.03 -5.05
CA HIS B 78 -28.04 -32.86 -5.23
C HIS B 78 -27.96 -34.14 -4.39
N SER B 79 -26.78 -34.74 -4.27
CA SER B 79 -26.65 -35.99 -3.52
C SER B 79 -26.47 -35.80 -2.01
N TYR B 80 -26.32 -34.57 -1.54
CA TYR B 80 -26.36 -34.33 -0.09
C TYR B 80 -27.75 -33.97 0.39
N GLY B 81 -28.74 -33.89 -0.51
CA GLY B 81 -30.08 -33.46 -0.17
C GLY B 81 -30.35 -31.97 -0.30
N VAL B 82 -29.40 -31.20 -0.84
CA VAL B 82 -29.62 -29.77 -1.00
C VAL B 82 -30.81 -29.56 -1.94
N GLY B 83 -31.70 -28.65 -1.57
CA GLY B 83 -32.83 -28.38 -2.45
C GLY B 83 -32.93 -26.93 -2.87
N LEU B 84 -32.21 -26.06 -2.17
CA LEU B 84 -32.28 -24.63 -2.44
C LEU B 84 -30.88 -24.04 -2.53
N LEU B 85 -30.67 -23.19 -3.53
CA LEU B 85 -29.47 -22.38 -3.67
C LEU B 85 -29.86 -20.92 -3.44
N ALA B 86 -29.56 -20.40 -2.26
CA ALA B 86 -29.87 -18.98 -1.96
C ALA B 86 -28.69 -18.09 -2.36
N LEU B 87 -28.76 -17.56 -3.58
CA LEU B 87 -27.75 -16.65 -4.12
C LEU B 87 -27.85 -15.27 -3.45
N ARG B 88 -26.86 -14.91 -2.64
CA ARG B 88 -26.84 -13.60 -2.00
C ARG B 88 -26.47 -12.49 -2.97
N SER B 89 -26.92 -12.57 -4.22
CA SER B 89 -26.58 -11.59 -5.24
C SER B 89 -27.71 -11.47 -6.26
N ALA B 90 -27.59 -10.48 -7.15
CA ALA B 90 -28.47 -10.47 -8.30
C ALA B 90 -27.96 -11.39 -9.41
N GLY B 91 -26.64 -11.46 -9.60
CA GLY B 91 -26.09 -12.26 -10.66
C GLY B 91 -26.09 -13.74 -10.33
N TYR B 92 -26.32 -14.55 -11.36
CA TYR B 92 -26.26 -16.01 -11.27
C TYR B 92 -25.27 -16.58 -12.28
N ASP B 93 -24.29 -15.77 -12.70
CA ASP B 93 -23.23 -16.19 -13.62
C ASP B 93 -22.51 -17.45 -13.14
N HIS B 94 -22.20 -17.53 -11.85
CA HIS B 94 -21.36 -18.52 -11.22
C HIS B 94 -22.06 -19.87 -11.01
N ILE B 95 -23.32 -20.00 -11.44
CA ILE B 95 -24.13 -21.19 -11.25
C ILE B 95 -24.42 -21.78 -12.62
N ASP B 96 -24.23 -23.10 -12.77
CA ASP B 96 -24.69 -23.83 -13.95
C ASP B 96 -26.18 -24.08 -13.78
N ILE B 97 -26.98 -23.08 -14.15
CA ILE B 97 -28.41 -23.12 -13.88
C ILE B 97 -29.06 -24.33 -14.54
N GLU B 98 -28.65 -24.66 -15.77
CA GLU B 98 -29.29 -25.76 -16.50
C GLU B 98 -29.12 -27.08 -15.78
N THR B 99 -27.92 -27.36 -15.28
CA THR B 99 -27.69 -28.61 -14.55
C THR B 99 -28.44 -28.64 -13.23
N ALA B 100 -28.56 -27.49 -12.55
CA ALA B 100 -29.29 -27.41 -11.29
C ALA B 100 -30.78 -27.58 -11.48
N LYS B 101 -31.33 -27.15 -12.63
CA LYS B 101 -32.71 -27.43 -12.99
C LYS B 101 -32.92 -28.89 -13.44
N ARG B 102 -31.89 -29.55 -13.98
CA ARG B 102 -31.99 -30.97 -14.26
C ARG B 102 -31.90 -31.80 -12.98
N LEU B 103 -31.24 -31.27 -11.95
CA LEU B 103 -31.16 -31.96 -10.67
C LEU B 103 -32.34 -31.66 -9.75
N GLY B 104 -33.07 -30.58 -10.00
CA GLY B 104 -34.20 -30.22 -9.16
C GLY B 104 -33.90 -29.19 -8.08
N ILE B 105 -32.69 -28.63 -8.06
CA ILE B 105 -32.33 -27.63 -7.05
C ILE B 105 -32.88 -26.27 -7.48
N LYS B 106 -33.74 -25.70 -6.64
CA LYS B 106 -34.22 -24.35 -6.88
C LYS B 106 -33.08 -23.37 -6.66
N VAL B 107 -33.03 -22.34 -7.51
CA VAL B 107 -32.10 -21.24 -7.34
C VAL B 107 -32.91 -19.97 -7.13
N VAL B 108 -32.53 -19.19 -6.12
CA VAL B 108 -33.18 -17.91 -5.84
C VAL B 108 -32.10 -16.87 -5.57
N ASN B 109 -32.38 -15.63 -5.96
CA ASN B 109 -31.40 -14.55 -5.96
C ASN B 109 -31.95 -13.34 -5.20
N VAL B 110 -31.15 -12.28 -5.13
CA VAL B 110 -31.55 -10.98 -4.59
C VAL B 110 -31.70 -10.03 -5.78
N PRO B 111 -32.91 -9.63 -6.15
CA PRO B 111 -33.08 -8.91 -7.41
C PRO B 111 -32.86 -7.41 -7.32
N ALA B 112 -33.01 -6.81 -6.14
CA ALA B 112 -32.96 -5.35 -6.01
C ALA B 112 -31.98 -4.93 -4.92
N TYR B 113 -30.86 -4.33 -5.32
CA TYR B 113 -29.93 -3.74 -4.36
C TYR B 113 -30.50 -2.38 -3.94
N SER B 114 -29.65 -1.53 -3.36
CA SER B 114 -29.93 -0.11 -3.22
C SER B 114 -29.39 0.62 -4.45
N GLN B 115 -30.29 1.30 -5.18
CA GLN B 115 -29.83 2.08 -6.32
C GLN B 115 -29.05 3.30 -5.87
N HIS B 116 -29.34 3.81 -4.66
CA HIS B 116 -28.59 4.95 -4.14
C HIS B 116 -27.13 4.59 -3.88
N ALA B 117 -26.86 3.35 -3.44
CA ALA B 117 -25.49 2.92 -3.18
C ALA B 117 -24.65 2.93 -4.46
N ILE B 118 -25.22 2.46 -5.57
CA ILE B 118 -24.47 2.41 -6.82
C ILE B 118 -24.21 3.81 -7.32
N ALA B 119 -25.26 4.64 -7.38
CA ALA B 119 -25.09 6.02 -7.81
C ALA B 119 -24.02 6.72 -6.99
N ASP B 120 -24.08 6.56 -5.65
CA ASP B 120 -23.15 7.23 -4.75
C ASP B 120 -21.71 6.79 -4.98
N HIS B 121 -21.52 5.50 -5.26
CA HIS B 121 -20.17 5.01 -5.51
C HIS B 121 -19.64 5.54 -6.83
N THR B 122 -20.50 5.57 -7.85
CA THR B 122 -20.13 6.08 -9.15
C THR B 122 -19.58 7.50 -9.05
N LEU B 123 -20.25 8.35 -8.27
CA LEU B 123 -19.76 9.72 -8.09
C LEU B 123 -18.46 9.71 -7.31
N ALA B 124 -18.44 9.08 -6.14
CA ALA B 124 -17.21 8.86 -5.39
C ALA B 124 -16.04 8.49 -6.30
N ILE B 125 -16.20 7.39 -7.05
CA ILE B 125 -15.18 6.88 -7.96
C ILE B 125 -14.78 7.95 -8.96
N MET B 126 -15.76 8.78 -9.38
CA MET B 126 -15.54 9.79 -10.42
C MET B 126 -14.72 10.94 -9.88
N LEU B 127 -15.18 11.54 -8.80
CA LEU B 127 -14.45 12.63 -8.18
C LEU B 127 -13.08 12.19 -7.66
N ALA B 128 -12.97 10.93 -7.24
CA ALA B 128 -11.67 10.38 -6.88
C ALA B 128 -10.69 10.54 -8.03
N LEU B 129 -11.12 10.20 -9.25
CA LEU B 129 -10.24 10.30 -10.41
C LEU B 129 -9.94 11.75 -10.80
N ILE B 130 -10.96 12.60 -10.80
CA ILE B 130 -10.76 13.95 -11.32
C ILE B 130 -9.92 14.77 -10.35
N ARG B 131 -10.10 14.56 -9.06
CA ARG B 131 -9.29 15.28 -8.10
C ARG B 131 -8.00 14.54 -7.75
N ARG B 132 -7.70 13.45 -8.48
CA ARG B 132 -6.47 12.66 -8.38
C ARG B 132 -6.18 12.25 -6.92
N LEU B 133 -7.23 11.75 -6.26
CA LEU B 133 -7.13 11.32 -4.87
C LEU B 133 -6.29 10.06 -4.72
N HIS B 134 -6.37 9.15 -5.68
CA HIS B 134 -5.53 7.96 -5.65
C HIS B 134 -4.04 8.34 -5.69
N ARG B 135 -3.69 9.38 -6.44
CA ARG B 135 -2.29 9.80 -6.50
C ARG B 135 -1.89 10.54 -5.23
N ALA B 136 -2.75 11.44 -4.75
CA ALA B 136 -2.48 12.12 -3.49
C ALA B 136 -2.28 11.13 -2.35
N HIS B 137 -3.13 10.10 -2.30
CA HIS B 137 -3.03 9.10 -1.25
C HIS B 137 -1.60 8.58 -1.15
N ASP B 138 -1.06 8.17 -2.29
CA ASP B 138 0.27 7.56 -2.33
C ASP B 138 1.37 8.60 -2.12
N LYS B 139 1.18 9.80 -2.65
CA LYS B 139 2.13 10.90 -2.44
C LYS B 139 2.28 11.25 -0.96
N VAL B 140 1.17 11.46 -0.24
CA VAL B 140 1.30 12.01 1.11
C VAL B 140 1.88 10.96 2.07
N ARG B 141 1.61 9.67 1.82
CA ARG B 141 2.17 8.63 2.70
C ARG B 141 3.69 8.65 2.69
N LEU B 142 4.29 9.22 1.68
CA LEU B 142 5.73 9.43 1.62
C LEU B 142 6.14 10.79 2.18
N GLY B 143 5.19 11.65 2.52
CA GLY B 143 5.50 13.02 2.85
C GLY B 143 5.64 13.94 1.65
N ASP B 144 5.24 13.49 0.46
CA ASP B 144 5.30 14.33 -0.75
C ASP B 144 3.99 15.10 -0.85
N PHE B 145 3.93 16.22 -0.17
CA PHE B 145 2.79 17.12 -0.19
C PHE B 145 2.88 18.16 -1.29
N ASP B 146 3.74 17.92 -2.28
CA ASP B 146 3.79 18.72 -3.49
C ASP B 146 2.54 18.44 -4.32
N LEU B 147 1.93 19.49 -4.86
CA LEU B 147 0.68 19.34 -5.58
C LEU B 147 0.85 19.09 -7.09
N ASP B 148 2.09 19.05 -7.61
CA ASP B 148 2.26 18.79 -9.03
C ASP B 148 1.79 17.37 -9.34
N GLY B 149 0.98 17.25 -10.41
CA GLY B 149 0.33 15.99 -10.75
C GLY B 149 -1.06 15.78 -10.16
N LEU B 150 -1.58 16.72 -9.36
CA LEU B 150 -2.80 16.54 -8.60
C LEU B 150 -3.95 17.45 -9.04
N MET B 151 -3.74 18.24 -10.10
CA MET B 151 -4.78 19.14 -10.56
C MET B 151 -5.87 18.43 -11.33
N GLY B 152 -7.12 18.78 -10.99
CA GLY B 152 -8.26 18.35 -11.76
C GLY B 152 -8.99 19.48 -12.46
N PHE B 153 -10.32 19.37 -12.54
CA PHE B 153 -11.15 20.35 -13.23
C PHE B 153 -12.49 20.43 -12.53
N ASP B 154 -13.16 21.58 -12.69
CA ASP B 154 -14.49 21.75 -12.10
C ASP B 154 -15.49 20.96 -12.92
N LEU B 155 -16.30 20.15 -12.23
CA LEU B 155 -17.43 19.50 -12.87
C LEU B 155 -18.40 20.54 -13.38
N ASN B 156 -18.31 21.77 -12.85
CA ASN B 156 -19.14 22.89 -13.26
C ASN B 156 -18.98 23.16 -14.74
N GLY B 157 -20.08 23.08 -15.48
CA GLY B 157 -20.09 23.38 -16.89
C GLY B 157 -19.73 22.23 -17.80
N LYS B 158 -19.07 21.20 -17.29
CA LYS B 158 -18.71 20.07 -18.12
C LYS B 158 -19.96 19.35 -18.62
N VAL B 159 -19.82 18.69 -19.75
CA VAL B 159 -20.90 17.89 -20.34
C VAL B 159 -20.77 16.45 -19.86
N ALA B 160 -21.74 15.99 -19.08
CA ALA B 160 -21.76 14.64 -18.54
C ALA B 160 -22.78 13.80 -19.28
N GLY B 161 -22.34 12.67 -19.85
CA GLY B 161 -23.25 11.78 -20.55
C GLY B 161 -23.52 10.45 -19.85
N VAL B 162 -24.78 10.23 -19.50
CA VAL B 162 -25.22 9.01 -18.83
C VAL B 162 -25.84 8.07 -19.86
N ILE B 163 -25.38 6.82 -19.88
CA ILE B 163 -25.88 5.79 -20.78
C ILE B 163 -26.66 4.80 -19.93
N GLY B 164 -27.92 4.56 -20.31
CA GLY B 164 -28.80 3.76 -19.47
C GLY B 164 -29.46 4.60 -18.40
N LEU B 165 -30.79 4.69 -18.43
CA LEU B 165 -31.54 5.64 -17.62
C LEU B 165 -32.58 4.97 -16.73
N GLY B 166 -32.23 3.82 -16.15
CA GLY B 166 -32.95 3.29 -15.02
C GLY B 166 -32.70 4.16 -13.81
N LYS B 167 -33.13 3.64 -12.65
CA LYS B 167 -32.99 4.40 -11.40
C LYS B 167 -31.54 4.75 -11.13
N ILE B 168 -30.63 3.77 -11.27
CA ILE B 168 -29.20 4.02 -11.14
C ILE B 168 -28.77 5.18 -12.03
N GLY B 169 -29.10 5.14 -13.30
CA GLY B 169 -28.71 6.21 -14.20
C GLY B 169 -29.40 7.52 -13.87
N ARG B 170 -30.69 7.46 -13.51
CA ARG B 170 -31.39 8.67 -13.09
C ARG B 170 -30.74 9.24 -11.83
N LEU B 171 -30.44 8.37 -10.85
CA LEU B 171 -29.83 8.87 -9.62
C LEU B 171 -28.45 9.42 -9.89
N VAL B 172 -27.71 8.83 -10.82
CA VAL B 172 -26.38 9.35 -11.15
C VAL B 172 -26.50 10.73 -11.79
N ALA B 173 -27.48 10.91 -12.67
CA ALA B 173 -27.69 12.20 -13.32
C ALA B 173 -28.20 13.26 -12.34
N THR B 174 -29.01 12.85 -11.36
CA THR B 174 -29.43 13.79 -10.32
C THR B 174 -28.22 14.32 -9.55
N ARG B 175 -27.24 13.46 -9.27
CA ARG B 175 -26.05 13.93 -8.56
C ARG B 175 -25.24 14.88 -9.41
N LEU B 176 -25.04 14.54 -10.69
CA LEU B 176 -24.14 15.29 -11.54
C LEU B 176 -24.66 16.68 -11.81
N LYS B 177 -25.99 16.83 -11.87
CA LYS B 177 -26.61 18.13 -12.12
C LYS B 177 -26.33 19.10 -10.99
N ALA B 178 -26.15 18.59 -9.77
CA ALA B 178 -25.84 19.46 -8.63
C ALA B 178 -24.37 19.88 -8.59
N PHE B 179 -23.51 19.32 -9.44
CA PHE B 179 -22.12 19.73 -9.55
C PHE B 179 -21.91 20.78 -10.64
N GLY B 180 -23.00 21.21 -11.30
CA GLY B 180 -22.94 22.15 -12.38
C GLY B 180 -22.81 21.54 -13.75
N CYS B 181 -23.02 20.22 -13.88
CA CYS B 181 -22.81 19.54 -15.15
C CYS B 181 -23.98 19.74 -16.12
N LYS B 182 -23.66 19.87 -17.40
CA LYS B 182 -24.67 19.64 -18.43
C LYS B 182 -24.80 18.13 -18.61
N VAL B 183 -25.96 17.56 -18.28
CA VAL B 183 -26.13 16.12 -18.30
C VAL B 183 -26.93 15.73 -19.54
N LEU B 184 -26.30 14.91 -20.36
CA LEU B 184 -26.85 14.24 -21.52
C LEU B 184 -27.14 12.79 -21.12
N GLY B 185 -28.02 12.13 -21.88
CA GLY B 185 -28.35 10.74 -21.59
C GLY B 185 -28.86 10.03 -22.83
N TYR B 186 -28.57 8.73 -22.91
CA TYR B 186 -29.12 7.92 -23.99
C TYR B 186 -29.84 6.69 -23.44
N ASP B 187 -31.02 6.43 -24.00
CA ASP B 187 -31.83 5.27 -23.62
C ASP B 187 -33.09 5.22 -24.47
N PRO B 188 -33.22 4.21 -25.33
CA PRO B 188 -34.39 4.14 -26.23
C PRO B 188 -35.71 3.88 -25.51
N TYR B 189 -35.70 3.37 -24.28
CA TYR B 189 -36.93 2.99 -23.61
C TYR B 189 -37.35 3.94 -22.50
N ILE B 190 -36.63 5.04 -22.29
CA ILE B 190 -37.00 6.02 -21.27
C ILE B 190 -36.33 7.35 -21.61
N GLN B 191 -37.05 8.44 -21.37
CA GLN B 191 -36.59 9.80 -21.65
C GLN B 191 -36.99 10.66 -20.46
N PRO B 192 -36.14 10.73 -19.43
CA PRO B 192 -36.54 11.40 -18.20
C PRO B 192 -36.33 12.90 -18.29
N GLU B 193 -37.05 13.64 -17.44
CA GLU B 193 -36.91 15.08 -17.46
C GLU B 193 -35.57 15.56 -16.89
N ILE B 194 -34.84 14.70 -16.15
CA ILE B 194 -33.62 15.11 -15.46
C ILE B 194 -32.46 15.22 -16.43
N VAL B 195 -32.71 14.94 -17.70
CA VAL B 195 -31.63 14.77 -18.67
C VAL B 195 -32.07 15.35 -20.01
N GLU B 196 -31.12 15.95 -20.73
CA GLU B 196 -31.31 16.27 -22.14
C GLU B 196 -31.11 14.97 -22.92
N ASN B 197 -32.20 14.36 -23.35
CA ASN B 197 -32.14 13.13 -24.14
C ASN B 197 -31.59 13.43 -25.53
N VAL B 198 -30.46 12.80 -25.84
CA VAL B 198 -29.77 12.96 -27.10
C VAL B 198 -29.61 11.57 -27.72
N ASP B 199 -28.89 11.53 -28.84
CA ASP B 199 -28.50 10.27 -29.46
C ASP B 199 -27.16 9.81 -28.92
N LEU B 200 -26.94 8.49 -29.01
CA LEU B 200 -25.73 7.87 -28.47
C LEU B 200 -24.46 8.43 -29.08
N ASP B 201 -24.49 8.73 -30.38
CA ASP B 201 -23.31 9.31 -31.02
C ASP B 201 -23.05 10.73 -30.55
N THR B 202 -24.11 11.45 -30.20
CA THR B 202 -23.95 12.79 -29.65
C THR B 202 -23.38 12.76 -28.24
N LEU B 203 -23.82 11.80 -27.44
CA LEU B 203 -23.24 11.59 -26.11
C LEU B 203 -21.76 11.23 -26.21
N ILE B 204 -21.42 10.30 -27.12
CA ILE B 204 -20.05 9.83 -27.23
C ILE B 204 -19.10 10.96 -27.60
N THR B 205 -19.50 11.80 -28.56
CA THR B 205 -18.60 12.78 -29.13
C THR B 205 -18.56 14.06 -28.32
N GLN B 206 -19.65 14.39 -27.63
CA GLN B 206 -19.68 15.67 -26.93
C GLN B 206 -19.22 15.58 -25.47
N ALA B 207 -19.38 14.43 -24.79
CA ALA B 207 -19.25 14.38 -23.33
C ALA B 207 -17.80 14.54 -22.85
N ASP B 208 -17.60 15.41 -21.87
CA ASP B 208 -16.38 15.39 -21.07
C ASP B 208 -16.29 14.12 -20.24
N ILE B 209 -17.33 13.82 -19.46
CA ILE B 209 -17.42 12.64 -18.60
C ILE B 209 -18.52 11.73 -19.14
N ILE B 210 -18.25 10.43 -19.22
CA ILE B 210 -19.25 9.41 -19.57
C ILE B 210 -19.36 8.40 -18.44
N SER B 211 -20.59 8.10 -18.03
CA SER B 211 -20.87 7.09 -17.03
C SER B 211 -21.86 6.08 -17.60
N ILE B 212 -21.56 4.79 -17.44
CA ILE B 212 -22.37 3.70 -18.01
C ILE B 212 -23.27 3.15 -16.92
N HIS B 213 -24.56 3.01 -17.22
CA HIS B 213 -25.50 2.45 -16.27
C HIS B 213 -26.58 1.66 -17.02
N CYS B 214 -26.13 0.78 -17.90
CA CYS B 214 -26.95 -0.14 -18.68
C CYS B 214 -26.44 -1.56 -18.52
N PRO B 215 -27.35 -2.54 -18.64
CA PRO B 215 -26.96 -3.95 -18.72
C PRO B 215 -26.08 -4.31 -19.91
N LEU B 216 -25.68 -5.58 -20.00
CA LEU B 216 -24.81 -6.07 -21.06
C LEU B 216 -25.63 -6.94 -22.01
N THR B 217 -25.58 -6.63 -23.30
CA THR B 217 -26.25 -7.42 -24.32
C THR B 217 -25.20 -7.91 -25.32
N ARG B 218 -25.63 -8.78 -26.23
CA ARG B 218 -24.71 -9.29 -27.22
C ARG B 218 -24.45 -8.30 -28.33
N GLU B 219 -25.26 -7.26 -28.45
CA GLU B 219 -24.94 -6.11 -29.28
C GLU B 219 -24.17 -5.06 -28.51
N ASN B 220 -24.21 -5.13 -27.18
CA ASN B 220 -23.50 -4.23 -26.27
C ASN B 220 -22.03 -4.57 -26.12
N PHE B 221 -21.68 -5.85 -26.25
CA PHE B 221 -20.36 -6.34 -25.86
C PHE B 221 -19.24 -5.56 -26.56
N HIS B 222 -18.32 -5.02 -25.75
CA HIS B 222 -17.20 -4.21 -26.24
C HIS B 222 -17.70 -2.98 -26.98
N MET B 223 -18.74 -2.37 -26.44
CA MET B 223 -19.24 -1.08 -26.90
C MET B 223 -18.14 0.00 -26.88
N PHE B 224 -17.33 0.04 -25.83
CA PHE B 224 -16.20 0.97 -25.79
C PHE B 224 -14.98 0.21 -26.27
N ASN B 225 -14.73 0.31 -27.56
CA ASN B 225 -13.65 -0.33 -28.31
C ASN B 225 -12.78 0.77 -28.92
N GLU B 226 -11.80 0.37 -29.76
CA GLU B 226 -10.88 1.34 -30.33
C GLU B 226 -11.63 2.47 -31.03
N GLU B 227 -12.54 2.12 -31.93
CA GLU B 227 -13.28 3.13 -32.68
C GLU B 227 -14.05 4.06 -31.74
N THR B 228 -14.73 3.49 -30.74
CA THR B 228 -15.46 4.34 -29.78
C THR B 228 -14.53 5.34 -29.11
N PHE B 229 -13.31 4.93 -28.78
CA PHE B 229 -12.37 5.84 -28.13
C PHE B 229 -11.88 6.91 -29.09
N LYS B 230 -11.72 6.59 -30.38
CA LYS B 230 -11.33 7.59 -31.37
C LYS B 230 -12.37 8.71 -31.49
N ARG B 231 -13.65 8.36 -31.36
CA ARG B 231 -14.71 9.35 -31.52
C ARG B 231 -14.96 10.17 -30.26
N MET B 232 -14.64 9.65 -29.08
CA MET B 232 -14.87 10.43 -27.87
C MET B 232 -13.98 11.67 -27.86
N LYS B 233 -14.42 12.66 -27.12
CA LYS B 233 -13.71 13.93 -27.03
C LYS B 233 -12.33 13.71 -26.39
N PRO B 234 -11.29 14.33 -26.94
CA PRO B 234 -9.95 14.22 -26.33
C PRO B 234 -9.96 14.64 -24.86
N GLY B 235 -9.32 13.82 -24.02
CA GLY B 235 -9.28 14.06 -22.59
C GLY B 235 -10.49 13.60 -21.80
N ALA B 236 -11.33 12.72 -22.36
CA ALA B 236 -12.61 12.40 -21.74
C ALA B 236 -12.48 11.38 -20.60
N ILE B 237 -13.42 11.45 -19.65
CA ILE B 237 -13.46 10.54 -18.50
C ILE B 237 -14.54 9.48 -18.75
N LEU B 238 -14.15 8.20 -18.74
CA LEU B 238 -15.07 7.07 -18.78
C LEU B 238 -15.20 6.45 -17.38
N VAL B 239 -16.42 6.11 -16.99
CA VAL B 239 -16.73 5.56 -15.67
C VAL B 239 -17.65 4.34 -15.84
N ASN B 240 -17.27 3.21 -15.24
CA ASN B 240 -18.01 1.95 -15.45
C ASN B 240 -18.35 1.31 -14.12
N THR B 241 -19.57 1.50 -13.64
CA THR B 241 -20.04 0.71 -12.51
C THR B 241 -21.09 -0.33 -12.95
N ALA B 242 -21.37 -0.43 -14.25
CA ALA B 242 -22.46 -1.27 -14.73
C ALA B 242 -22.01 -2.72 -14.89
N ARG B 243 -21.32 -3.00 -16.00
CA ARG B 243 -20.86 -4.34 -16.34
C ARG B 243 -19.56 -4.20 -17.12
N GLY B 244 -18.55 -5.03 -16.78
CA GLY B 244 -17.23 -4.90 -17.38
C GLY B 244 -17.17 -5.30 -18.84
N GLY B 245 -18.09 -6.17 -19.26
CA GLY B 245 -18.20 -6.50 -20.67
C GLY B 245 -18.31 -5.30 -21.59
N LEU B 246 -18.96 -4.22 -21.11
CA LEU B 246 -19.21 -3.07 -21.99
C LEU B 246 -17.92 -2.41 -22.50
N ILE B 247 -16.78 -2.69 -21.90
CA ILE B 247 -15.51 -2.04 -22.25
C ILE B 247 -14.53 -3.09 -22.72
N ASP B 248 -13.90 -2.85 -23.88
CA ASP B 248 -12.74 -3.60 -24.34
C ASP B 248 -11.51 -3.08 -23.60
N THR B 249 -11.01 -3.88 -22.65
CA THR B 249 -9.97 -3.42 -21.74
C THR B 249 -8.67 -3.14 -22.48
N LYS B 250 -8.30 -4.02 -23.40
CA LYS B 250 -7.11 -3.76 -24.20
C LYS B 250 -7.17 -2.36 -24.83
N ALA B 251 -8.23 -2.09 -25.59
CA ALA B 251 -8.43 -0.79 -26.21
C ALA B 251 -8.42 0.34 -25.17
N LEU B 252 -9.09 0.14 -24.04
CA LEU B 252 -9.06 1.14 -22.98
C LEU B 252 -7.62 1.42 -22.52
N LEU B 253 -6.85 0.36 -22.25
CA LEU B 253 -5.45 0.56 -21.87
C LEU B 253 -4.66 1.32 -22.95
N GLU B 254 -4.94 1.05 -24.22
CA GLU B 254 -4.26 1.75 -25.31
C GLU B 254 -4.69 3.21 -25.38
N ALA B 255 -5.99 3.47 -25.26
CA ALA B 255 -6.47 4.85 -25.30
C ALA B 255 -5.94 5.64 -24.10
N LEU B 256 -5.69 4.96 -22.98
CA LEU B 256 -5.23 5.65 -21.78
C LEU B 256 -3.75 5.98 -21.84
N LYS B 257 -2.92 5.03 -22.34
CA LYS B 257 -1.48 5.27 -22.45
C LYS B 257 -1.14 6.32 -23.51
N SER B 258 -2.01 6.49 -24.51
CA SER B 258 -1.75 7.38 -25.64
C SER B 258 -2.10 8.84 -25.37
N GLY B 259 -2.94 9.11 -24.38
CA GLY B 259 -3.34 10.45 -24.06
C GLY B 259 -4.74 10.80 -24.53
N LYS B 260 -5.28 10.05 -25.49
CA LYS B 260 -6.59 10.37 -26.05
C LYS B 260 -7.65 10.41 -24.98
N LEU B 261 -7.66 9.39 -24.12
CA LEU B 261 -8.60 9.30 -23.01
C LEU B 261 -7.98 9.93 -21.76
N GLY B 262 -8.69 10.90 -21.18
CA GLY B 262 -8.16 11.57 -20.02
C GLY B 262 -8.00 10.64 -18.83
N GLY B 263 -9.03 9.88 -18.53
CA GLY B 263 -8.99 8.97 -17.39
C GLY B 263 -10.06 7.91 -17.52
N ALA B 264 -9.98 6.91 -16.63
CA ALA B 264 -11.03 5.92 -16.48
C ALA B 264 -11.21 5.62 -15.00
N ALA B 265 -12.47 5.47 -14.59
CA ALA B 265 -12.84 5.03 -13.25
C ALA B 265 -13.75 3.82 -13.37
N LEU B 266 -13.31 2.69 -12.82
CA LEU B 266 -13.91 1.40 -13.09
C LEU B 266 -14.29 0.72 -11.78
N ASP B 267 -15.54 0.23 -11.70
CA ASP B 267 -15.96 -0.67 -10.63
C ASP B 267 -16.08 -2.10 -11.10
N VAL B 268 -15.99 -2.33 -12.41
CA VAL B 268 -16.28 -3.61 -13.02
C VAL B 268 -15.21 -3.84 -14.07
N TYR B 269 -15.00 -5.10 -14.39
CA TYR B 269 -13.91 -5.44 -15.29
C TYR B 269 -14.32 -6.71 -16.00
N GLU B 270 -14.26 -6.72 -17.34
CA GLU B 270 -14.35 -8.00 -18.01
C GLU B 270 -13.28 -8.90 -17.40
N TYR B 271 -13.51 -10.21 -17.35
CA TYR B 271 -12.53 -11.08 -16.68
C TYR B 271 -12.45 -10.81 -15.18
N GLU B 272 -13.54 -10.38 -14.57
CA GLU B 272 -13.56 -10.27 -13.12
C GLU B 272 -14.11 -11.52 -12.46
N ARG B 273 -14.72 -12.41 -13.26
CA ARG B 273 -15.56 -13.54 -12.84
C ARG B 273 -14.86 -14.59 -12.00
N GLY B 274 -13.67 -14.29 -11.48
CA GLY B 274 -13.07 -15.16 -10.49
C GLY B 274 -11.95 -14.50 -9.72
N LEU B 275 -11.65 -13.26 -10.11
CA LEU B 275 -10.63 -12.41 -9.50
C LEU B 275 -11.18 -11.57 -8.38
N PHE B 276 -12.28 -10.86 -8.65
CA PHE B 276 -12.87 -9.94 -7.68
C PHE B 276 -13.37 -10.70 -6.44
N PHE B 277 -13.52 -9.98 -5.34
CA PHE B 277 -14.11 -10.45 -4.09
C PHE B 277 -13.23 -11.42 -3.32
N LYS B 278 -12.00 -11.66 -3.78
CA LYS B 278 -11.12 -12.66 -3.18
C LYS B 278 -9.78 -12.04 -2.79
N ASN B 279 -9.23 -12.48 -1.66
CA ASN B 279 -7.91 -12.05 -1.21
C ASN B 279 -6.84 -12.93 -1.87
N HIS B 280 -6.27 -12.46 -2.99
CA HIS B 280 -5.12 -13.05 -3.66
C HIS B 280 -3.78 -12.52 -3.11
N GLN B 281 -3.71 -12.22 -1.81
CA GLN B 281 -2.53 -11.58 -1.21
C GLN B 281 -1.27 -12.42 -1.38
N LYS B 282 -1.38 -13.75 -1.26
CA LYS B 282 -0.21 -14.64 -1.32
C LYS B 282 0.52 -14.48 -2.65
N GLU B 283 -0.20 -14.57 -3.76
CA GLU B 283 0.37 -14.16 -5.03
C GLU B 283 0.19 -12.66 -5.11
N GLY B 284 0.10 -12.09 -6.30
CA GLY B 284 -0.29 -10.69 -6.31
C GLY B 284 -1.34 -10.47 -7.35
N ILE B 285 -1.02 -9.62 -8.32
CA ILE B 285 -1.88 -9.39 -9.47
C ILE B 285 -1.25 -10.13 -10.65
N LYS B 286 -1.75 -11.34 -10.92
CA LYS B 286 -1.33 -12.09 -12.11
C LYS B 286 -1.98 -11.55 -13.38
N ASP B 287 -3.17 -10.93 -13.29
CA ASP B 287 -3.89 -10.46 -14.47
C ASP B 287 -3.04 -9.45 -15.24
N PRO B 288 -2.79 -9.67 -16.54
CA PRO B 288 -2.01 -8.69 -17.32
C PRO B 288 -2.67 -7.33 -17.39
N TYR B 289 -4.01 -7.27 -17.46
CA TYR B 289 -4.65 -5.99 -17.71
C TYR B 289 -4.83 -5.20 -16.41
N LEU B 290 -5.24 -5.89 -15.35
CA LEU B 290 -5.34 -5.29 -14.03
C LEU B 290 -4.03 -4.63 -13.62
N ALA B 291 -2.89 -5.26 -13.90
CA ALA B 291 -1.62 -4.70 -13.46
C ALA B 291 -1.35 -3.38 -14.16
N GLN B 292 -1.51 -3.35 -15.50
CA GLN B 292 -1.26 -2.12 -16.24
C GLN B 292 -2.25 -1.03 -15.86
N LEU B 293 -3.48 -1.43 -15.51
CA LEU B 293 -4.50 -0.47 -15.08
C LEU B 293 -4.11 0.21 -13.78
N LEU B 294 -3.67 -0.58 -12.79
CA LEU B 294 -3.36 -0.05 -11.47
C LEU B 294 -2.12 0.85 -11.48
N GLY B 295 -1.13 0.54 -12.32
CA GLY B 295 0.04 1.40 -12.39
C GLY B 295 -0.16 2.67 -13.17
N LEU B 296 -1.31 2.85 -13.81
CA LEU B 296 -1.62 4.03 -14.59
C LEU B 296 -2.20 5.12 -13.69
N ALA B 297 -1.69 6.35 -13.86
CA ALA B 297 -2.03 7.48 -13.00
C ALA B 297 -3.41 8.04 -13.26
N ASN B 298 -4.02 7.75 -14.41
CA ASN B 298 -5.35 8.25 -14.75
C ASN B 298 -6.39 7.13 -14.70
N VAL B 299 -6.23 6.22 -13.73
CA VAL B 299 -7.18 5.13 -13.52
C VAL B 299 -7.48 5.05 -12.04
N VAL B 300 -8.77 4.96 -11.70
CA VAL B 300 -9.19 4.60 -10.36
C VAL B 300 -9.94 3.29 -10.49
N LEU B 301 -9.77 2.40 -9.51
CA LEU B 301 -10.37 1.08 -9.66
C LEU B 301 -10.80 0.50 -8.32
N THR B 302 -11.97 -0.10 -8.31
CA THR B 302 -12.48 -0.72 -7.10
C THR B 302 -13.01 -2.10 -7.47
N GLY B 303 -13.07 -2.96 -6.47
CA GLY B 303 -13.43 -4.35 -6.66
C GLY B 303 -14.91 -4.58 -6.60
N HIS B 304 -15.64 -3.98 -7.52
CA HIS B 304 -17.08 -4.17 -7.65
C HIS B 304 -17.75 -4.02 -6.30
N GLN B 305 -17.51 -2.86 -5.67
CA GLN B 305 -18.06 -2.54 -4.36
C GLN B 305 -19.13 -1.48 -4.41
N ALA B 306 -19.66 -1.16 -5.60
CA ALA B 306 -20.70 -0.13 -5.71
C ALA B 306 -21.89 -0.40 -4.80
N PHE B 307 -22.22 -1.67 -4.59
CA PHE B 307 -23.32 -2.12 -3.75
C PHE B 307 -22.97 -2.15 -2.28
N LEU B 308 -21.69 -2.07 -1.93
CA LEU B 308 -21.23 -2.34 -0.57
C LEU B 308 -21.52 -1.15 0.35
N THR B 309 -22.80 -1.01 0.69
CA THR B 309 -23.24 -0.17 1.80
C THR B 309 -24.12 -0.94 2.77
N ARG B 310 -24.11 -0.47 4.02
CA ARG B 310 -25.01 -1.02 5.05
C ARG B 310 -26.42 -1.25 4.52
N GLU B 311 -27.01 -0.21 3.94
CA GLU B 311 -28.40 -0.29 3.50
C GLU B 311 -28.58 -1.36 2.43
N ALA B 312 -27.66 -1.46 1.47
CA ALA B 312 -27.82 -2.48 0.45
C ALA B 312 -27.57 -3.89 0.99
N VAL B 313 -26.58 -4.04 1.88
CA VAL B 313 -26.28 -5.37 2.43
C VAL B 313 -27.44 -5.89 3.28
N LYS B 314 -27.97 -5.02 4.14
CA LYS B 314 -29.19 -5.32 4.87
C LYS B 314 -30.27 -5.87 3.95
N ASN B 315 -30.54 -5.18 2.84
CA ASN B 315 -31.48 -5.67 1.83
C ASN B 315 -31.15 -7.09 1.40
N ILE B 316 -29.90 -7.31 0.95
CA ILE B 316 -29.50 -8.62 0.43
C ILE B 316 -29.75 -9.72 1.46
N GLU B 317 -29.35 -9.49 2.70
CA GLU B 317 -29.48 -10.53 3.71
C GLU B 317 -30.94 -10.79 4.04
N GLU B 318 -31.68 -9.73 4.39
CA GLU B 318 -33.12 -9.81 4.62
C GLU B 318 -33.83 -10.56 3.50
N THR B 319 -33.51 -10.23 2.25
CA THR B 319 -34.15 -10.91 1.12
C THR B 319 -33.78 -12.38 1.08
N THR B 320 -32.50 -12.70 1.30
CA THR B 320 -32.08 -14.10 1.33
C THR B 320 -32.80 -14.84 2.45
N VAL B 321 -32.95 -14.20 3.61
CA VAL B 321 -33.75 -14.79 4.68
C VAL B 321 -35.19 -14.96 4.22
N GLU B 322 -35.73 -13.96 3.54
CA GLU B 322 -37.07 -14.10 3.00
C GLU B 322 -37.16 -15.25 1.99
N ASN B 323 -36.11 -15.43 1.19
CA ASN B 323 -36.17 -16.41 0.11
C ASN B 323 -36.14 -17.84 0.63
N ILE B 324 -35.42 -18.08 1.72
CA ILE B 324 -35.36 -19.41 2.33
C ILE B 324 -36.62 -19.70 3.13
N LEU B 325 -37.02 -18.76 3.99
CA LEU B 325 -38.31 -18.84 4.67
C LEU B 325 -39.43 -19.19 3.71
N GLU B 326 -39.37 -18.65 2.49
CA GLU B 326 -40.42 -18.88 1.53
C GLU B 326 -40.33 -20.26 0.86
N TRP B 327 -39.15 -20.86 0.79
CA TRP B 327 -38.96 -22.00 -0.09
C TRP B 327 -39.68 -23.24 0.44
N GLN B 328 -40.55 -23.80 -0.42
CA GLN B 328 -41.43 -24.95 -0.18
C GLN B 328 -41.75 -25.66 -1.50
N LYS B 329 -40.73 -25.97 -2.30
CA LYS B 329 -40.87 -26.77 -3.52
C LYS B 329 -41.92 -26.26 -4.51
N ASN B 330 -42.46 -25.05 -4.31
CA ASN B 330 -43.44 -24.50 -5.26
C ASN B 330 -42.75 -23.41 -6.08
N PRO B 331 -42.74 -23.50 -7.42
CA PRO B 331 -42.14 -22.44 -8.25
C PRO B 331 -42.74 -21.04 -8.09
N GLN B 332 -43.51 -20.80 -7.03
CA GLN B 332 -43.85 -19.43 -6.63
C GLN B 332 -42.79 -18.85 -5.71
N ALA B 333 -41.52 -19.27 -5.90
CA ALA B 333 -40.41 -18.78 -5.09
C ALA B 333 -40.12 -17.31 -5.33
N LYS B 334 -40.93 -16.63 -6.15
CA LYS B 334 -40.83 -15.20 -6.39
C LYS B 334 -39.53 -14.84 -7.08
N LEU B 335 -38.41 -15.04 -6.39
CA LEU B 335 -37.11 -14.63 -6.89
C LEU B 335 -36.37 -15.79 -7.52
N LYS B 336 -37.10 -16.80 -7.98
CA LYS B 336 -36.53 -17.97 -8.62
C LYS B 336 -35.94 -17.59 -9.97
N ASN B 337 -35.04 -18.41 -10.47
CA ASN B 337 -34.51 -18.24 -11.82
C ASN B 337 -34.81 -19.50 -12.63
N ILE C 18 30.46 22.22 -17.61
CA ILE C 18 30.79 21.12 -18.48
C ILE C 18 30.19 19.81 -17.94
N PHE C 19 29.12 19.92 -17.14
CA PHE C 19 28.59 18.79 -16.39
C PHE C 19 27.12 18.56 -16.76
N PHE C 20 26.82 17.35 -17.24
CA PHE C 20 25.52 16.97 -17.78
C PHE C 20 24.89 15.87 -16.91
N SER C 21 23.56 15.80 -16.96
CA SER C 21 22.79 14.75 -16.28
C SER C 21 23.12 14.68 -14.78
N MET C 22 23.12 15.84 -14.14
CA MET C 22 23.52 15.94 -12.74
C MET C 22 22.40 15.49 -11.80
N HIS C 23 22.78 14.80 -10.73
CA HIS C 23 21.89 14.36 -9.66
C HIS C 23 22.34 14.97 -8.34
N PRO C 24 21.42 15.23 -7.41
CA PRO C 24 21.83 15.83 -6.12
C PRO C 24 22.70 14.93 -5.26
N TYR C 25 22.60 13.61 -5.41
CA TYR C 25 23.50 12.72 -4.65
C TYR C 25 24.94 12.83 -5.16
N GLU C 26 25.10 13.16 -6.44
CA GLU C 26 26.44 13.46 -6.97
C GLU C 26 26.90 14.84 -6.52
N GLU C 27 25.97 15.82 -6.48
CA GLU C 27 26.35 17.17 -6.09
C GLU C 27 26.77 17.26 -4.64
N GLU C 28 26.26 16.38 -3.78
CA GLU C 28 26.71 16.40 -2.39
C GLU C 28 28.23 16.27 -2.31
N PHE C 29 28.82 15.50 -3.23
CA PHE C 29 30.24 15.16 -3.20
C PHE C 29 31.05 15.96 -4.19
N LEU C 30 30.49 16.23 -5.36
CA LEU C 30 31.12 17.07 -6.38
C LEU C 30 30.76 18.50 -6.07
N GLY C 31 31.70 19.24 -5.49
CA GLY C 31 31.43 20.57 -5.00
C GLY C 31 32.25 20.89 -3.77
N PRO C 32 32.10 20.08 -2.72
CA PRO C 32 33.04 20.18 -1.59
C PRO C 32 34.48 19.98 -2.01
N ILE C 33 34.76 18.87 -2.73
CA ILE C 33 36.07 18.69 -3.33
C ILE C 33 36.41 19.79 -4.31
N LEU C 34 35.46 20.68 -4.58
CA LEU C 34 35.50 21.68 -5.62
C LEU C 34 35.81 20.97 -6.93
N PRO C 35 34.91 21.04 -7.91
CA PRO C 35 35.38 20.74 -9.27
C PRO C 35 36.50 21.68 -9.64
N SER C 36 36.47 22.88 -9.08
CA SER C 36 36.60 24.04 -9.94
C SER C 36 37.22 25.24 -9.23
N ASP C 37 38.14 25.88 -9.94
CA ASP C 37 38.11 27.32 -10.06
C ASP C 37 37.79 27.78 -11.49
N TRP C 38 37.60 26.87 -12.46
CA TRP C 38 36.93 27.32 -13.67
C TRP C 38 35.44 27.51 -13.40
N ASP C 39 34.69 27.82 -14.43
CA ASP C 39 33.25 27.80 -14.40
C ASP C 39 32.77 26.55 -15.12
N VAL C 40 31.79 25.88 -14.55
CA VAL C 40 31.38 24.57 -15.07
C VAL C 40 29.88 24.54 -15.31
N GLU C 41 29.08 24.68 -14.26
CA GLU C 41 27.63 24.63 -14.35
C GLU C 41 27.16 23.23 -14.73
N MET C 42 26.16 22.69 -14.01
CA MET C 42 25.70 21.31 -14.20
C MET C 42 24.17 21.26 -14.31
N THR C 43 23.66 21.12 -15.55
CA THR C 43 22.21 20.97 -15.73
C THR C 43 21.88 19.52 -16.08
N PRO C 44 20.87 18.94 -15.42
CA PRO C 44 20.54 17.53 -15.67
C PRO C 44 19.64 17.34 -16.89
N ASP C 45 20.07 16.48 -17.80
CA ASP C 45 19.30 16.07 -18.98
C ASP C 45 19.96 14.84 -19.56
N PHE C 46 19.17 13.97 -20.16
CA PHE C 46 19.68 12.72 -20.70
C PHE C 46 20.56 12.92 -21.95
N VAL C 61 33.44 15.30 -20.26
CA VAL C 61 32.35 16.22 -20.56
C VAL C 61 31.08 15.85 -19.80
N SER C 62 31.22 14.86 -18.90
CA SER C 62 30.18 14.43 -17.97
C SER C 62 29.08 13.62 -18.64
N LEU C 63 29.21 12.28 -18.65
CA LEU C 63 28.28 11.41 -19.37
C LEU C 63 27.91 10.20 -18.53
N PHE C 64 26.87 10.34 -17.70
CA PHE C 64 26.26 9.18 -17.06
C PHE C 64 25.67 8.27 -18.14
N VAL C 65 25.22 7.09 -17.72
CA VAL C 65 24.51 6.23 -18.66
C VAL C 65 23.20 6.88 -19.08
N SER C 66 22.60 7.68 -18.19
CA SER C 66 21.32 8.34 -18.42
C SER C 66 21.48 9.63 -19.23
N ASP C 70 27.21 10.26 -29.13
CA ASP C 70 26.43 10.39 -30.35
C ASP C 70 27.31 10.78 -31.53
N GLY C 71 26.84 10.48 -32.74
CA GLY C 71 27.54 10.88 -33.95
C GLY C 71 27.71 12.39 -34.04
N PRO C 72 26.59 13.13 -34.12
CA PRO C 72 26.68 14.58 -34.32
C PRO C 72 27.25 15.39 -33.15
N VAL C 73 28.52 15.14 -32.80
CA VAL C 73 29.23 15.96 -31.83
C VAL C 73 29.96 17.06 -32.57
N LEU C 74 29.79 18.30 -32.11
CA LEU C 74 30.40 19.45 -32.76
C LEU C 74 31.90 19.49 -32.50
N GLU C 75 32.48 20.69 -32.52
CA GLU C 75 33.85 20.83 -32.02
C GLU C 75 33.91 20.43 -30.55
N ALA C 76 35.01 19.79 -30.16
CA ALA C 76 35.14 19.29 -28.79
C ALA C 76 36.44 19.78 -28.15
N LEU C 77 36.78 19.18 -27.00
CA LEU C 77 38.00 19.51 -26.26
C LEU C 77 38.60 18.24 -25.66
N LEU C 85 35.89 10.79 -21.14
CA LEU C 85 35.31 12.12 -21.32
C LEU C 85 34.49 12.51 -20.09
N ALA C 86 35.11 12.37 -18.92
CA ALA C 86 34.45 12.54 -17.63
C ALA C 86 33.16 11.72 -17.58
N LEU C 87 33.30 10.43 -17.89
CA LEU C 87 32.13 9.56 -17.99
C LEU C 87 31.35 9.48 -16.67
N ARG C 88 32.05 9.38 -15.54
CA ARG C 88 31.41 9.14 -14.24
C ARG C 88 30.69 7.81 -14.22
N SER C 89 31.26 6.82 -14.90
CA SER C 89 30.70 5.48 -14.98
C SER C 89 31.85 4.51 -15.18
N ALA C 90 31.52 3.24 -15.43
CA ALA C 90 32.52 2.27 -15.84
C ALA C 90 32.03 1.43 -17.02
N GLY C 91 31.00 1.89 -17.75
CA GLY C 91 30.33 1.07 -18.72
C GLY C 91 30.62 1.45 -20.16
N TYR C 92 30.33 0.49 -21.04
CA TYR C 92 30.50 0.69 -22.48
C TYR C 92 29.16 0.96 -23.15
N ASP C 93 28.54 2.05 -22.67
CA ASP C 93 27.39 2.67 -23.31
C ASP C 93 27.80 3.61 -24.43
N HIS C 94 29.10 3.68 -24.73
CA HIS C 94 29.62 4.42 -25.87
C HIS C 94 30.68 3.61 -26.59
N ILE C 95 30.73 3.78 -27.90
CA ILE C 95 31.78 3.19 -28.73
C ILE C 95 33.14 3.76 -28.36
N LYS C 101 48.86 12.81 -23.84
CA LYS C 101 49.15 11.86 -22.77
C LYS C 101 48.12 10.74 -22.63
N ARG C 102 48.64 9.54 -22.40
CA ARG C 102 47.83 8.38 -22.03
C ARG C 102 47.40 8.53 -20.58
N LEU C 103 46.12 8.82 -20.35
CA LEU C 103 45.63 9.11 -19.00
C LEU C 103 45.45 7.84 -18.18
N GLY C 104 45.63 7.99 -16.87
CA GLY C 104 45.63 6.83 -15.97
C GLY C 104 44.39 5.96 -16.08
N ILE C 105 43.24 6.56 -16.36
CA ILE C 105 42.02 5.79 -16.50
C ILE C 105 41.52 5.75 -17.94
N LYS C 106 42.20 6.44 -18.86
CA LYS C 106 42.03 6.29 -20.31
C LYS C 106 40.64 6.58 -20.86
N VAL C 107 40.53 7.59 -21.72
CA VAL C 107 39.27 8.05 -22.30
C VAL C 107 38.37 8.53 -21.15
N VAL C 108 38.86 8.35 -19.92
CA VAL C 108 38.32 8.84 -18.65
C VAL C 108 36.99 8.16 -18.36
N ASN C 109 37.06 7.08 -17.59
CA ASN C 109 35.92 6.49 -16.91
C ASN C 109 36.31 6.36 -15.45
N VAL C 110 35.43 5.78 -14.63
CA VAL C 110 35.77 5.46 -13.25
C VAL C 110 36.04 3.97 -13.17
N PRO C 111 37.24 3.55 -12.85
CA PRO C 111 37.58 2.13 -12.99
C PRO C 111 37.00 1.27 -11.87
N ALA C 112 37.15 1.77 -10.65
CA ALA C 112 37.07 0.98 -9.42
C ALA C 112 35.65 0.82 -8.95
N TYR C 113 34.94 1.94 -8.80
CA TYR C 113 33.55 1.94 -8.37
C TYR C 113 33.41 1.47 -6.93
N SER C 114 32.28 0.82 -6.63
CA SER C 114 32.16 -0.04 -5.47
C SER C 114 31.54 -1.35 -5.95
N GLN C 115 32.29 -2.43 -5.85
CA GLN C 115 31.70 -3.74 -6.08
C GLN C 115 30.89 -4.19 -4.88
N HIS C 116 31.22 -3.67 -3.69
CA HIS C 116 30.48 -3.97 -2.48
C HIS C 116 29.07 -3.38 -2.54
N ALA C 117 28.94 -2.16 -3.08
CA ALA C 117 27.62 -1.55 -3.19
C ALA C 117 26.66 -2.47 -3.91
N ILE C 118 27.14 -3.13 -4.96
CA ILE C 118 26.30 -4.00 -5.78
C ILE C 118 26.10 -5.36 -5.13
N ALA C 119 27.15 -5.93 -4.54
CA ALA C 119 26.95 -7.18 -3.83
C ALA C 119 26.09 -7.00 -2.58
N ASP C 120 26.18 -5.84 -1.91
CA ASP C 120 25.29 -5.55 -0.79
C ASP C 120 23.85 -5.43 -1.27
N HIS C 121 23.61 -4.54 -2.23
CA HIS C 121 22.31 -4.42 -2.86
C HIS C 121 21.79 -5.78 -3.35
N THR C 122 22.64 -6.57 -3.99
CA THR C 122 22.26 -7.89 -4.49
C THR C 122 21.61 -8.73 -3.40
N LEU C 123 22.26 -8.81 -2.25
CA LEU C 123 21.71 -9.55 -1.11
C LEU C 123 20.51 -8.82 -0.50
N ALA C 124 20.56 -7.49 -0.40
CA ALA C 124 19.41 -6.75 0.11
C ALA C 124 18.13 -7.12 -0.62
N ILE C 125 18.11 -6.85 -1.93
CA ILE C 125 17.06 -7.26 -2.85
C ILE C 125 16.67 -8.74 -2.63
N MET C 126 17.68 -9.61 -2.51
CA MET C 126 17.42 -11.04 -2.43
C MET C 126 16.78 -11.41 -1.09
N LEU C 127 17.30 -10.82 -0.02
CA LEU C 127 16.73 -11.03 1.31
C LEU C 127 15.37 -10.35 1.46
N ALA C 128 15.16 -9.21 0.79
CA ALA C 128 13.84 -8.58 0.80
C ALA C 128 12.79 -9.50 0.20
N LEU C 129 13.15 -10.21 -0.87
CA LEU C 129 12.17 -11.07 -1.52
C LEU C 129 11.92 -12.36 -0.75
N ILE C 130 12.97 -13.01 -0.26
CA ILE C 130 12.75 -14.26 0.47
C ILE C 130 12.01 -13.97 1.78
N ARG C 131 12.33 -12.86 2.44
CA ARG C 131 11.62 -12.49 3.66
C ARG C 131 10.39 -11.63 3.38
N ARG C 132 10.05 -11.43 2.10
CA ARG C 132 8.80 -10.80 1.70
C ARG C 132 8.58 -9.44 2.40
N LEU C 133 9.63 -8.61 2.38
CA LEU C 133 9.60 -7.29 3.01
C LEU C 133 8.82 -6.27 2.19
N HIS C 134 8.83 -6.37 0.86
CA HIS C 134 7.91 -5.57 0.05
C HIS C 134 6.47 -5.80 0.48
N ARG C 135 6.06 -7.07 0.60
CA ARG C 135 4.68 -7.36 0.99
C ARG C 135 4.37 -6.79 2.37
N ALA C 136 5.22 -7.07 3.37
CA ALA C 136 4.97 -6.56 4.72
C ALA C 136 4.90 -5.04 4.72
N HIS C 137 5.71 -4.40 3.89
CA HIS C 137 5.70 -2.94 3.83
C HIS C 137 4.31 -2.42 3.57
N ASP C 138 3.60 -3.05 2.63
CA ASP C 138 2.28 -2.58 2.28
C ASP C 138 1.21 -3.07 3.24
N LYS C 139 1.41 -4.24 3.87
CA LYS C 139 0.45 -4.69 4.85
C LYS C 139 0.49 -3.83 6.11
N VAL C 140 1.70 -3.56 6.64
CA VAL C 140 1.74 -2.92 7.95
C VAL C 140 1.21 -1.50 7.88
N ARG C 141 1.37 -0.84 6.73
CA ARG C 141 0.77 0.48 6.54
C ARG C 141 -0.73 0.45 6.79
N LEU C 142 -1.37 -0.70 6.59
CA LEU C 142 -2.82 -0.80 6.73
C LEU C 142 -3.28 -1.24 8.11
N GLY C 143 -2.38 -1.48 9.05
CA GLY C 143 -2.78 -2.09 10.30
C GLY C 143 -2.89 -3.59 10.22
N ASP C 144 -2.57 -4.19 9.07
CA ASP C 144 -2.68 -5.62 8.83
C ASP C 144 -1.37 -6.30 9.25
N PHE C 145 -1.28 -6.65 10.53
CA PHE C 145 -0.11 -7.32 11.11
C PHE C 145 -0.20 -8.83 11.08
N ASP C 146 -1.16 -9.40 10.35
CA ASP C 146 -1.19 -10.84 10.15
C ASP C 146 -0.06 -11.24 9.19
N LEU C 147 0.79 -12.16 9.63
CA LEU C 147 1.98 -12.56 8.90
C LEU C 147 1.70 -13.55 7.75
N ASP C 148 0.43 -13.76 7.40
CA ASP C 148 0.12 -14.67 6.30
C ASP C 148 0.74 -14.20 4.99
N GLY C 149 1.44 -15.12 4.33
CA GLY C 149 2.10 -14.86 3.07
C GLY C 149 3.44 -14.16 3.18
N LEU C 150 3.97 -13.98 4.39
CA LEU C 150 5.33 -13.46 4.56
C LEU C 150 6.33 -14.55 4.93
N MET C 151 5.94 -15.81 4.97
CA MET C 151 6.86 -16.88 5.32
C MET C 151 7.98 -17.00 4.30
N GLY C 152 9.21 -17.09 4.80
CA GLY C 152 10.34 -17.35 3.94
C GLY C 152 10.97 -18.70 4.19
N PHE C 153 12.21 -18.84 3.73
CA PHE C 153 13.02 -20.00 4.05
C PHE C 153 14.34 -19.56 4.61
N ASP C 154 14.93 -20.42 5.44
CA ASP C 154 16.34 -20.25 5.78
C ASP C 154 17.19 -20.42 4.53
N LEU C 155 18.17 -19.53 4.37
CA LEU C 155 19.11 -19.69 3.27
C LEU C 155 20.07 -20.84 3.55
N ASN C 156 20.50 -20.97 4.82
CA ASN C 156 21.16 -22.15 5.36
C ASN C 156 20.70 -23.43 4.67
N GLY C 157 21.66 -24.16 4.06
CA GLY C 157 21.38 -25.42 3.38
C GLY C 157 20.86 -25.29 1.97
N LYS C 158 20.55 -24.08 1.50
CA LYS C 158 20.06 -23.90 0.15
C LYS C 158 21.23 -23.75 -0.82
N VAL C 159 21.06 -24.30 -2.03
CA VAL C 159 22.09 -24.21 -3.07
C VAL C 159 22.03 -22.83 -3.73
N ALA C 160 23.07 -22.03 -3.54
CA ALA C 160 23.20 -20.72 -4.17
C ALA C 160 24.05 -20.83 -5.44
N GLY C 161 23.61 -20.18 -6.52
CA GLY C 161 24.31 -20.29 -7.80
C GLY C 161 24.73 -18.96 -8.38
N VAL C 162 26.02 -18.75 -8.61
CA VAL C 162 26.54 -17.47 -9.10
C VAL C 162 27.05 -17.62 -10.53
N ILE C 163 26.59 -16.76 -11.42
CA ILE C 163 26.93 -16.81 -12.83
C ILE C 163 27.81 -15.62 -13.13
N GLY C 164 29.04 -15.90 -13.55
CA GLY C 164 30.04 -14.85 -13.69
C GLY C 164 30.71 -14.68 -12.35
N LEU C 165 32.01 -14.97 -12.29
CA LEU C 165 32.76 -15.03 -11.03
C LEU C 165 33.92 -14.03 -11.01
N GLY C 166 33.70 -12.84 -11.57
CA GLY C 166 34.53 -11.70 -11.27
C GLY C 166 34.30 -11.17 -9.87
N LYS C 167 34.51 -9.87 -9.65
CA LYS C 167 34.63 -9.35 -8.29
C LYS C 167 33.27 -9.24 -7.59
N ILE C 168 32.21 -8.89 -8.33
CA ILE C 168 30.89 -8.78 -7.74
C ILE C 168 30.32 -10.15 -7.40
N GLY C 169 30.43 -11.10 -8.34
CA GLY C 169 30.00 -12.45 -8.09
C GLY C 169 30.76 -13.10 -6.95
N ARG C 170 32.08 -12.84 -6.87
CA ARG C 170 32.89 -13.42 -5.80
C ARG C 170 32.48 -12.84 -4.45
N LEU C 171 32.37 -11.52 -4.37
CA LEU C 171 31.87 -10.88 -3.16
C LEU C 171 30.47 -11.41 -2.80
N VAL C 172 29.58 -11.51 -3.80
CA VAL C 172 28.24 -12.05 -3.56
C VAL C 172 28.32 -13.45 -3.00
N ALA C 173 29.18 -14.30 -3.56
CA ALA C 173 29.30 -15.66 -3.04
C ALA C 173 29.88 -15.66 -1.64
N THR C 174 30.65 -14.65 -1.28
CA THR C 174 31.19 -14.58 0.06
C THR C 174 30.07 -14.32 1.07
N ARG C 175 29.25 -13.30 0.81
CA ARG C 175 28.05 -13.10 1.60
C ARG C 175 27.22 -14.36 1.64
N LEU C 176 26.84 -14.84 0.45
CA LEU C 176 25.98 -16.01 0.36
C LEU C 176 26.54 -17.19 1.14
N LYS C 177 27.86 -17.32 1.18
CA LYS C 177 28.49 -18.39 1.95
C LYS C 177 28.23 -18.22 3.44
N ALA C 178 28.20 -16.98 3.93
CA ALA C 178 28.04 -16.76 5.36
C ALA C 178 26.61 -17.03 5.82
N PHE C 179 25.63 -16.90 4.93
CA PHE C 179 24.23 -17.15 5.29
C PHE C 179 23.92 -18.64 5.46
N GLY C 180 24.90 -19.51 5.23
CA GLY C 180 24.73 -20.93 5.33
C GLY C 180 24.49 -21.62 4.00
N CYS C 181 24.55 -20.91 2.89
CA CYS C 181 24.27 -21.51 1.60
C CYS C 181 25.44 -22.35 1.08
N LYS C 182 25.11 -23.38 0.31
CA LYS C 182 26.07 -24.10 -0.50
C LYS C 182 26.16 -23.37 -1.82
N VAL C 183 27.32 -22.77 -2.09
CA VAL C 183 27.45 -21.86 -3.21
C VAL C 183 28.09 -22.58 -4.39
N LEU C 184 27.35 -22.65 -5.48
CA LEU C 184 27.78 -23.08 -6.79
C LEU C 184 28.22 -21.87 -7.59
N GLY C 185 28.89 -22.12 -8.69
CA GLY C 185 29.30 -21.00 -9.51
C GLY C 185 29.71 -21.49 -10.87
N TYR C 186 29.50 -20.64 -11.89
CA TYR C 186 29.89 -20.94 -13.26
C TYR C 186 30.61 -19.74 -13.83
N ASP C 187 31.73 -19.99 -14.51
CA ASP C 187 32.46 -18.96 -15.21
C ASP C 187 33.29 -19.65 -16.28
N PRO C 188 33.39 -19.11 -17.50
CA PRO C 188 34.27 -19.74 -18.52
C PRO C 188 35.75 -19.60 -18.21
N TYR C 189 36.19 -18.45 -17.71
CA TYR C 189 37.51 -18.27 -17.15
C TYR C 189 37.41 -18.38 -15.63
N ILE C 190 38.56 -18.60 -14.99
CA ILE C 190 38.75 -18.60 -13.53
C ILE C 190 37.77 -19.50 -12.77
N GLN C 191 38.31 -20.33 -11.88
CA GLN C 191 37.53 -21.22 -11.04
C GLN C 191 37.94 -20.96 -9.61
N PRO C 192 37.36 -19.95 -8.96
CA PRO C 192 37.76 -19.60 -7.60
C PRO C 192 37.30 -20.63 -6.60
N GLU C 193 37.98 -20.70 -5.46
CA GLU C 193 37.61 -21.70 -4.48
C GLU C 193 36.41 -21.28 -3.64
N ILE C 194 36.07 -19.99 -3.63
CA ILE C 194 34.86 -19.51 -2.98
C ILE C 194 33.64 -20.23 -3.49
N VAL C 195 33.71 -20.78 -4.69
CA VAL C 195 32.57 -21.36 -5.36
C VAL C 195 32.94 -22.80 -5.68
N GLU C 196 32.01 -23.73 -5.45
CA GLU C 196 32.09 -25.02 -6.13
C GLU C 196 31.83 -24.76 -7.61
N ASN C 197 32.90 -24.75 -8.40
CA ASN C 197 32.74 -24.49 -9.83
C ASN C 197 32.14 -25.70 -10.49
N VAL C 198 31.06 -25.47 -11.24
CA VAL C 198 30.36 -26.51 -11.96
C VAL C 198 30.01 -25.93 -13.33
N ASP C 199 29.53 -26.78 -14.21
CA ASP C 199 28.99 -26.35 -15.50
C ASP C 199 27.76 -25.45 -15.32
N LEU C 200 27.52 -24.60 -16.32
CA LEU C 200 26.33 -23.76 -16.31
C LEU C 200 25.05 -24.58 -16.18
N ASP C 201 24.93 -25.68 -16.93
CA ASP C 201 23.69 -26.46 -16.86
C ASP C 201 23.47 -27.00 -15.47
N THR C 202 24.55 -27.33 -14.76
CA THR C 202 24.41 -27.87 -13.42
C THR C 202 23.98 -26.79 -12.43
N LEU C 203 24.46 -25.56 -12.61
CA LEU C 203 23.96 -24.47 -11.78
C LEU C 203 22.48 -24.22 -12.03
N ILE C 204 22.09 -24.14 -13.32
CA ILE C 204 20.72 -23.82 -13.72
C ILE C 204 19.75 -24.75 -13.03
N THR C 205 20.02 -26.05 -13.10
CA THR C 205 19.04 -27.02 -12.64
C THR C 205 19.14 -27.36 -11.17
N GLN C 206 20.27 -27.09 -10.51
CA GLN C 206 20.40 -27.49 -9.10
C GLN C 206 20.25 -26.35 -8.12
N ALA C 207 20.33 -25.09 -8.57
CA ALA C 207 20.39 -23.94 -7.66
C ALA C 207 19.01 -23.57 -7.13
N ASP C 208 18.87 -23.58 -5.81
CA ASP C 208 17.71 -22.94 -5.21
C ASP C 208 17.68 -21.44 -5.47
N ILE C 209 18.85 -20.80 -5.50
CA ILE C 209 18.99 -19.37 -5.73
C ILE C 209 20.02 -19.16 -6.84
N ILE C 210 19.65 -18.39 -7.84
CA ILE C 210 20.58 -17.94 -8.87
C ILE C 210 20.67 -16.42 -8.80
N SER C 211 21.89 -15.88 -8.94
CA SER C 211 22.13 -14.45 -9.06
C SER C 211 23.13 -14.23 -10.19
N ILE C 212 22.83 -13.27 -11.07
CA ILE C 212 23.60 -13.05 -12.30
C ILE C 212 24.59 -11.91 -12.09
N HIS C 213 25.86 -12.16 -12.38
CA HIS C 213 26.93 -11.20 -12.16
C HIS C 213 27.91 -11.22 -13.33
N CYS C 214 27.38 -11.25 -14.53
CA CYS C 214 28.18 -11.33 -15.74
C CYS C 214 27.76 -10.23 -16.70
N PRO C 215 28.64 -9.85 -17.64
CA PRO C 215 28.28 -8.84 -18.65
C PRO C 215 27.32 -9.41 -19.68
N LEU C 216 26.65 -8.51 -20.41
CA LEU C 216 25.74 -8.92 -21.48
C LEU C 216 26.50 -8.96 -22.81
N THR C 217 26.56 -10.13 -23.43
CA THR C 217 27.20 -10.33 -24.72
C THR C 217 26.14 -10.72 -25.76
N ARG C 218 26.50 -10.58 -27.04
CA ARG C 218 25.53 -10.88 -28.09
C ARG C 218 25.07 -12.34 -28.04
N GLU C 219 25.88 -13.22 -27.46
CA GLU C 219 25.48 -14.60 -27.17
C GLU C 219 24.73 -14.73 -25.85
N ASN C 220 24.83 -13.73 -24.98
CA ASN C 220 24.26 -13.79 -23.63
C ASN C 220 22.83 -13.29 -23.59
N PHE C 221 22.43 -12.45 -24.56
CA PHE C 221 21.08 -11.94 -24.64
C PHE C 221 20.08 -13.07 -24.40
N HIS C 222 19.08 -12.78 -23.56
CA HIS C 222 17.97 -13.71 -23.36
C HIS C 222 18.45 -15.07 -22.90
N MET C 223 19.57 -15.06 -22.17
CA MET C 223 20.12 -16.27 -21.57
C MET C 223 19.09 -16.97 -20.70
N PHE C 224 18.28 -16.20 -19.97
CA PHE C 224 17.20 -16.73 -19.16
C PHE C 224 15.90 -16.57 -19.96
N ASN C 225 15.55 -17.65 -20.65
CA ASN C 225 14.38 -17.69 -21.52
C ASN C 225 13.52 -18.89 -21.14
N GLU C 226 12.53 -19.15 -22.00
CA GLU C 226 11.55 -20.20 -21.73
C GLU C 226 12.22 -21.54 -21.42
N GLU C 227 13.31 -21.86 -22.12
CA GLU C 227 14.01 -23.15 -21.94
C GLU C 227 14.77 -23.20 -20.63
N THR C 228 15.50 -22.11 -20.33
CA THR C 228 16.19 -22.04 -19.05
C THR C 228 15.18 -22.16 -17.90
N PHE C 229 14.02 -21.53 -18.04
CA PHE C 229 13.04 -21.57 -16.97
C PHE C 229 12.45 -22.98 -16.82
N LYS C 230 12.25 -23.71 -17.92
CA LYS C 230 11.87 -25.12 -17.80
C LYS C 230 12.95 -25.95 -17.11
N ARG C 231 14.21 -25.57 -17.26
CA ARG C 231 15.32 -26.36 -16.74
C ARG C 231 15.63 -26.08 -15.29
N MET C 232 15.37 -24.85 -14.81
CA MET C 232 15.67 -24.49 -13.43
C MET C 232 14.78 -25.25 -12.46
N LYS C 233 15.26 -25.29 -11.22
CA LYS C 233 14.60 -26.01 -10.15
C LYS C 233 13.24 -25.39 -9.85
N PRO C 234 12.21 -26.21 -9.62
CA PRO C 234 10.93 -25.67 -9.15
C PRO C 234 11.09 -24.95 -7.82
N GLY C 235 10.71 -23.66 -7.81
CA GLY C 235 10.79 -22.82 -6.63
C GLY C 235 12.02 -21.95 -6.54
N ALA C 236 12.88 -21.94 -7.56
CA ALA C 236 14.12 -21.18 -7.49
C ALA C 236 13.86 -19.67 -7.48
N ILE C 237 14.72 -18.94 -6.77
CA ILE C 237 14.79 -17.48 -6.83
C ILE C 237 15.81 -17.08 -7.90
N LEU C 238 15.45 -16.12 -8.75
CA LEU C 238 16.39 -15.53 -9.70
C LEU C 238 16.68 -14.08 -9.30
N VAL C 239 17.96 -13.73 -9.26
CA VAL C 239 18.42 -12.39 -8.92
C VAL C 239 19.24 -11.84 -10.08
N ASN C 240 18.92 -10.62 -10.51
CA ASN C 240 19.69 -9.96 -11.57
C ASN C 240 20.01 -8.51 -11.16
N THR C 241 21.28 -8.26 -10.83
CA THR C 241 21.80 -6.89 -10.69
C THR C 241 22.82 -6.56 -11.76
N ALA C 242 23.09 -7.50 -12.66
CA ALA C 242 24.00 -7.33 -13.77
C ALA C 242 23.35 -6.54 -14.89
N ARG C 243 22.70 -7.22 -15.83
CA ARG C 243 22.18 -6.60 -17.06
C ARG C 243 20.79 -7.10 -17.36
N GLY C 244 19.87 -6.17 -17.67
CA GLY C 244 18.49 -6.56 -17.90
C GLY C 244 18.31 -7.49 -19.10
N GLY C 245 19.12 -7.26 -20.15
CA GLY C 245 19.04 -8.06 -21.36
C GLY C 245 19.34 -9.52 -21.16
N LEU C 246 19.97 -9.88 -20.04
CA LEU C 246 20.25 -11.29 -19.79
C LEU C 246 19.00 -12.09 -19.52
N ILE C 247 17.84 -11.45 -19.38
CA ILE C 247 16.59 -12.13 -19.05
C ILE C 247 15.51 -11.73 -20.03
N ASP C 248 14.76 -12.70 -20.54
CA ASP C 248 13.58 -12.50 -21.37
C ASP C 248 12.38 -12.20 -20.45
N THR C 249 12.14 -10.91 -20.20
CA THR C 249 11.13 -10.53 -19.21
C THR C 249 9.82 -11.29 -19.40
N LYS C 250 9.34 -11.37 -20.65
CA LYS C 250 8.08 -12.06 -20.96
C LYS C 250 8.07 -13.49 -20.41
N ALA C 251 9.12 -14.26 -20.68
CA ALA C 251 9.21 -15.61 -20.16
C ALA C 251 9.42 -15.61 -18.65
N LEU C 252 10.10 -14.60 -18.11
CA LEU C 252 10.17 -14.47 -16.67
C LEU C 252 8.77 -14.25 -16.07
N LEU C 253 7.99 -13.36 -16.68
CA LEU C 253 6.62 -13.12 -16.22
C LEU C 253 5.78 -14.41 -16.31
N GLU C 254 6.02 -15.22 -17.34
CA GLU C 254 5.26 -16.46 -17.46
C GLU C 254 5.74 -17.51 -16.48
N ALA C 255 7.05 -17.63 -16.27
CA ALA C 255 7.54 -18.58 -15.26
C ALA C 255 7.05 -18.20 -13.87
N LEU C 256 7.04 -16.90 -13.57
CA LEU C 256 6.52 -16.42 -12.29
C LEU C 256 5.01 -16.65 -12.21
N LYS C 257 4.27 -16.25 -13.25
CA LYS C 257 2.83 -16.45 -13.22
C LYS C 257 2.48 -17.92 -13.11
N SER C 258 3.15 -18.76 -13.90
CA SER C 258 2.83 -20.19 -13.85
C SER C 258 3.23 -20.83 -12.53
N GLY C 259 4.13 -20.22 -11.78
CA GLY C 259 4.61 -20.82 -10.55
C GLY C 259 5.82 -21.73 -10.69
N LYS C 260 6.38 -21.89 -11.90
CA LYS C 260 7.66 -22.61 -12.01
C LYS C 260 8.77 -21.86 -11.29
N LEU C 261 8.80 -20.54 -11.39
CA LEU C 261 9.83 -19.72 -10.75
C LEU C 261 9.29 -19.20 -9.42
N GLY C 262 9.99 -19.52 -8.33
CA GLY C 262 9.52 -19.15 -7.01
C GLY C 262 9.52 -17.67 -6.75
N GLY C 263 10.41 -16.95 -7.42
CA GLY C 263 10.48 -15.52 -7.27
C GLY C 263 11.55 -14.97 -8.19
N ALA C 264 11.59 -13.64 -8.24
CA ALA C 264 12.59 -12.91 -9.01
C ALA C 264 12.89 -11.62 -8.27
N ALA C 265 14.16 -11.22 -8.31
CA ALA C 265 14.62 -10.02 -7.64
C ALA C 265 15.51 -9.24 -8.60
N LEU C 266 15.00 -8.12 -9.13
CA LEU C 266 15.67 -7.42 -10.22
C LEU C 266 16.08 -6.02 -9.80
N ASP C 267 17.31 -5.64 -10.15
CA ASP C 267 17.70 -4.25 -10.17
C ASP C 267 17.87 -3.73 -11.59
N VAL C 268 17.91 -4.61 -12.57
CA VAL C 268 18.12 -4.18 -13.94
C VAL C 268 17.01 -4.81 -14.75
N TYR C 269 16.70 -4.17 -15.87
CA TYR C 269 15.56 -4.60 -16.67
C TYR C 269 15.88 -4.24 -18.11
N GLU C 270 15.80 -5.21 -19.02
CA GLU C 270 15.84 -4.85 -20.43
C GLU C 270 14.69 -3.89 -20.70
N TYR C 271 14.92 -2.90 -21.56
CA TYR C 271 13.98 -1.79 -21.78
C TYR C 271 13.90 -0.82 -20.61
N GLU C 272 14.89 -0.78 -19.73
CA GLU C 272 14.85 0.18 -18.63
C GLU C 272 15.20 1.60 -19.07
N ARG C 273 15.94 1.76 -20.19
CA ARG C 273 16.57 3.00 -20.60
C ARG C 273 15.75 4.27 -20.34
N GLY C 274 14.79 4.60 -21.22
CA GLY C 274 14.02 5.79 -20.94
C GLY C 274 13.13 5.73 -19.68
N LEU C 275 13.03 4.57 -19.02
CA LEU C 275 12.23 4.47 -17.80
C LEU C 275 13.05 4.76 -16.52
N PHE C 276 14.17 4.08 -16.31
CA PHE C 276 14.86 4.22 -15.03
C PHE C 276 15.53 5.58 -14.92
N PHE C 277 15.84 5.95 -13.67
CA PHE C 277 16.51 7.20 -13.25
C PHE C 277 15.67 8.43 -13.49
N LYS C 278 14.40 8.27 -13.88
CA LYS C 278 13.47 9.36 -14.15
C LYS C 278 12.20 9.18 -13.33
N ASN C 279 11.67 10.31 -12.87
CA ASN C 279 10.39 10.36 -12.18
C ASN C 279 9.27 10.50 -13.22
N HIS C 280 8.50 9.42 -13.40
CA HIS C 280 7.29 9.41 -14.23
C HIS C 280 6.03 9.55 -13.42
N GLN C 281 6.04 10.38 -12.38
CA GLN C 281 4.91 10.41 -11.46
C GLN C 281 3.65 10.98 -12.10
N LYS C 282 3.78 11.93 -13.05
CA LYS C 282 2.59 12.55 -13.64
C LYS C 282 1.78 11.53 -14.44
N GLU C 283 2.40 10.85 -15.39
CA GLU C 283 1.75 9.69 -16.01
C GLU C 283 1.88 8.53 -15.03
N GLY C 284 1.66 7.31 -15.46
CA GLY C 284 1.88 6.31 -14.43
C GLY C 284 3.07 5.42 -14.68
N ILE C 285 2.77 4.14 -14.94
CA ILE C 285 3.68 3.20 -15.53
C ILE C 285 3.06 2.76 -16.85
N LYS C 286 3.62 3.24 -17.95
CA LYS C 286 3.15 2.87 -19.28
C LYS C 286 3.73 1.56 -19.79
N ASP C 287 4.89 1.14 -19.25
CA ASP C 287 5.52 -0.10 -19.68
C ASP C 287 4.68 -1.29 -19.26
N PRO C 288 4.19 -2.12 -20.19
CA PRO C 288 3.30 -3.23 -19.78
C PRO C 288 4.00 -4.25 -18.91
N TYR C 289 5.28 -4.51 -19.17
CA TYR C 289 6.00 -5.55 -18.45
C TYR C 289 6.36 -5.10 -17.03
N LEU C 290 6.71 -3.81 -16.86
CA LEU C 290 7.00 -3.29 -15.55
C LEU C 290 5.76 -3.34 -14.66
N ALA C 291 4.62 -2.89 -15.18
CA ALA C 291 3.40 -2.94 -14.40
C ALA C 291 3.08 -4.36 -13.97
N GLN C 292 3.41 -5.36 -14.79
CA GLN C 292 3.11 -6.73 -14.42
C GLN C 292 4.10 -7.24 -13.39
N LEU C 293 5.38 -6.90 -13.59
CA LEU C 293 6.42 -7.26 -12.63
C LEU C 293 6.10 -6.71 -11.25
N LEU C 294 5.80 -5.40 -11.16
CA LEU C 294 5.50 -4.77 -9.87
C LEU C 294 4.29 -5.38 -9.17
N GLY C 295 3.31 -5.85 -9.94
CA GLY C 295 2.07 -6.37 -9.39
C GLY C 295 2.11 -7.77 -8.78
N LEU C 296 3.20 -8.52 -8.96
CA LEU C 296 3.34 -9.84 -8.36
C LEU C 296 3.98 -9.79 -6.97
N ALA C 297 3.46 -10.59 -6.05
CA ALA C 297 3.98 -10.60 -4.70
C ALA C 297 5.41 -11.16 -4.63
N ASN C 298 5.78 -12.07 -5.54
CA ASN C 298 7.08 -12.72 -5.52
C ASN C 298 8.05 -12.06 -6.50
N VAL C 299 7.95 -10.76 -6.69
CA VAL C 299 8.93 -9.98 -7.41
C VAL C 299 9.34 -8.82 -6.51
N VAL C 300 10.64 -8.57 -6.43
CA VAL C 300 11.16 -7.31 -5.91
C VAL C 300 11.91 -6.64 -7.04
N LEU C 301 11.68 -5.34 -7.21
CA LEU C 301 12.35 -4.62 -8.28
C LEU C 301 12.82 -3.27 -7.78
N THR C 302 14.00 -2.83 -8.25
CA THR C 302 14.56 -1.53 -7.91
C THR C 302 15.20 -0.95 -9.16
N GLY C 303 15.15 0.37 -9.27
CA GLY C 303 15.54 1.01 -10.51
C GLY C 303 17.03 1.23 -10.64
N HIS C 304 17.78 0.15 -10.89
CA HIS C 304 19.22 0.23 -11.19
C HIS C 304 19.96 1.01 -10.11
N GLN C 305 19.65 0.74 -8.85
CA GLN C 305 20.18 1.53 -7.76
C GLN C 305 21.28 0.80 -6.98
N ALA C 306 21.81 -0.30 -7.51
CA ALA C 306 22.75 -1.12 -6.76
C ALA C 306 24.07 -0.42 -6.53
N PHE C 307 24.37 0.63 -7.28
CA PHE C 307 25.57 1.44 -7.06
C PHE C 307 25.38 2.55 -6.03
N LEU C 308 24.15 3.02 -5.84
CA LEU C 308 23.88 4.18 -4.98
C LEU C 308 24.34 3.96 -3.55
N THR C 309 25.65 4.09 -3.29
CA THR C 309 26.14 4.24 -1.93
C THR C 309 27.08 5.43 -1.86
N ARG C 310 27.24 5.96 -0.65
CA ARG C 310 28.07 7.14 -0.46
C ARG C 310 29.51 6.89 -0.88
N GLU C 311 30.05 5.74 -0.49
CA GLU C 311 31.40 5.36 -0.89
C GLU C 311 31.51 5.28 -2.41
N ALA C 312 30.50 4.70 -3.09
CA ALA C 312 30.57 4.53 -4.54
C ALA C 312 30.53 5.87 -5.27
N VAL C 313 29.66 6.78 -4.83
CA VAL C 313 29.44 8.06 -5.50
C VAL C 313 30.58 9.03 -5.21
N LYS C 314 31.04 9.10 -3.96
CA LYS C 314 32.24 9.87 -3.65
C LYS C 314 33.42 9.43 -4.51
N ASN C 315 33.54 8.12 -4.73
CA ASN C 315 34.63 7.65 -5.58
C ASN C 315 34.42 8.11 -7.02
N ILE C 316 33.21 7.90 -7.55
CA ILE C 316 32.92 8.35 -8.91
C ILE C 316 33.14 9.86 -9.04
N GLU C 317 32.81 10.61 -7.99
CA GLU C 317 32.99 12.06 -8.03
C GLU C 317 34.45 12.44 -7.93
N GLU C 318 35.12 12.04 -6.85
CA GLU C 318 36.54 12.34 -6.70
C GLU C 318 37.33 11.89 -7.92
N THR C 319 37.03 10.69 -8.43
CA THR C 319 37.78 10.18 -9.58
C THR C 319 37.56 11.03 -10.82
N THR C 320 36.31 11.43 -11.10
CA THR C 320 36.06 12.28 -12.25
C THR C 320 36.89 13.56 -12.18
N VAL C 321 36.89 14.21 -11.02
CA VAL C 321 37.66 15.44 -10.84
C VAL C 321 39.14 15.17 -11.07
N GLU C 322 39.68 14.13 -10.42
CA GLU C 322 41.08 13.75 -10.63
C GLU C 322 41.38 13.57 -12.11
N ASN C 323 40.47 12.94 -12.85
CA ASN C 323 40.71 12.64 -14.27
C ASN C 323 40.75 13.91 -15.13
N ILE C 324 39.92 14.90 -14.81
CA ILE C 324 40.00 16.19 -15.49
C ILE C 324 41.30 16.92 -15.13
N LEU C 325 41.71 16.85 -13.86
CA LEU C 325 42.94 17.49 -13.43
C LEU C 325 44.16 16.85 -14.08
N GLU C 326 44.00 15.65 -14.62
CA GLU C 326 45.09 14.92 -15.26
C GLU C 326 45.19 15.20 -16.76
N TRP C 327 44.07 15.56 -17.38
CA TRP C 327 44.02 15.93 -18.79
C TRP C 327 44.32 17.40 -19.03
N GLN C 328 44.19 18.25 -18.00
CA GLN C 328 44.60 19.64 -18.15
C GLN C 328 46.08 19.83 -17.89
N LYS C 329 46.71 18.96 -17.11
CA LYS C 329 48.16 18.91 -17.03
C LYS C 329 48.78 18.00 -18.09
N ASN C 330 47.97 17.49 -19.04
CA ASN C 330 48.34 16.46 -20.03
C ASN C 330 49.64 15.71 -19.76
N PHE D 19 7.75 36.29 -9.56
CA PHE D 19 6.68 35.56 -8.88
C PHE D 19 7.31 34.65 -7.83
N PHE D 20 6.80 34.67 -6.61
CA PHE D 20 7.42 33.94 -5.51
C PHE D 20 7.14 32.44 -5.59
N SER D 21 6.18 31.95 -4.80
CA SER D 21 5.97 30.50 -4.64
C SER D 21 5.33 29.89 -5.88
N MET D 22 6.12 29.87 -6.96
CA MET D 22 5.62 29.41 -8.25
C MET D 22 5.61 27.90 -8.34
N HIS D 23 4.53 27.36 -8.92
CA HIS D 23 4.33 25.95 -9.18
C HIS D 23 4.18 25.71 -10.67
N PRO D 24 4.62 24.54 -11.18
CA PRO D 24 4.41 24.24 -12.61
C PRO D 24 2.95 24.26 -13.05
N TYR D 25 2.00 23.99 -12.16
CA TYR D 25 0.60 24.08 -12.56
C TYR D 25 0.14 25.52 -12.74
N GLU D 26 0.90 26.50 -12.25
CA GLU D 26 0.66 27.89 -12.61
C GLU D 26 1.36 28.30 -13.90
N GLU D 27 2.60 27.84 -14.12
CA GLU D 27 3.33 28.21 -15.33
C GLU D 27 2.66 27.73 -16.61
N GLU D 28 1.86 26.66 -16.54
CA GLU D 28 1.13 26.24 -17.73
C GLU D 28 0.15 27.32 -18.19
N PHE D 29 -0.46 28.03 -17.25
CA PHE D 29 -1.44 29.05 -17.58
C PHE D 29 -0.86 30.45 -17.61
N LEU D 30 0.13 30.69 -16.77
CA LEU D 30 0.70 32.00 -16.55
C LEU D 30 1.82 32.30 -17.54
N GLY D 31 2.16 31.33 -18.40
CA GLY D 31 3.23 31.46 -19.38
C GLY D 31 2.81 32.09 -20.69
N PRO D 32 1.84 31.47 -21.37
CA PRO D 32 1.36 32.05 -22.65
C PRO D 32 0.70 33.43 -22.55
N ILE D 33 0.25 33.88 -21.38
CA ILE D 33 -0.46 35.16 -21.28
C ILE D 33 0.40 36.30 -20.77
N LEU D 34 1.70 36.10 -20.54
CA LEU D 34 2.54 37.19 -20.07
C LEU D 34 3.39 37.75 -21.20
N PRO D 35 3.16 39.02 -21.63
CA PRO D 35 3.98 39.61 -22.68
C PRO D 35 4.79 40.81 -22.20
N SER D 36 5.43 41.50 -23.16
CA SER D 36 6.24 42.70 -22.96
C SER D 36 7.46 42.41 -22.09
N ASP D 37 7.70 43.24 -21.08
CA ASP D 37 8.98 43.17 -20.39
C ASP D 37 8.94 42.02 -19.37
N TRP D 38 10.02 41.92 -18.58
CA TRP D 38 10.38 40.69 -17.91
C TRP D 38 11.34 40.95 -16.75
N GLU D 41 13.00 32.99 -13.60
CA GLU D 41 13.50 32.29 -12.41
C GLU D 41 12.34 31.74 -11.57
N MET D 42 11.73 32.62 -10.75
CA MET D 42 10.61 32.27 -9.88
C MET D 42 10.95 31.15 -8.91
N THR D 43 11.67 31.47 -7.83
CA THR D 43 12.05 30.49 -6.81
C THR D 43 11.05 30.54 -5.66
N PRO D 44 10.44 29.41 -5.30
CA PRO D 44 9.34 29.44 -4.33
C PRO D 44 9.82 29.75 -2.92
N ASP D 45 8.83 30.15 -2.09
CA ASP D 45 8.95 30.32 -0.65
C ASP D 45 9.91 31.44 -0.24
N VAL D 60 7.61 38.51 -7.96
CA VAL D 60 7.12 38.76 -6.61
C VAL D 60 5.60 38.87 -6.57
N VAL D 61 4.91 37.76 -6.32
CA VAL D 61 3.46 37.78 -6.47
C VAL D 61 2.74 37.24 -5.24
N SER D 62 2.81 35.93 -4.95
CA SER D 62 2.00 35.42 -3.85
C SER D 62 2.65 34.21 -3.18
N LEU D 63 1.99 33.73 -2.12
CA LEU D 63 2.60 32.80 -1.17
C LEU D 63 1.58 31.86 -0.52
N PHE D 64 0.30 32.23 -0.60
CA PHE D 64 -0.85 31.48 -0.04
C PHE D 64 -0.52 30.51 1.10
N GLY D 81 10.42 43.96 -6.99
CA GLY D 81 10.17 45.03 -6.05
C GLY D 81 9.70 46.28 -6.76
N VAL D 82 8.82 46.09 -7.75
CA VAL D 82 8.29 47.24 -8.49
C VAL D 82 7.53 48.16 -7.55
N GLY D 83 6.58 47.62 -6.81
CA GLY D 83 5.79 48.42 -5.90
C GLY D 83 4.47 47.76 -5.61
N LEU D 84 4.13 46.73 -6.38
CA LEU D 84 2.85 46.02 -6.29
C LEU D 84 3.07 44.58 -5.88
N LEU D 85 2.32 44.14 -4.87
CA LEU D 85 2.31 42.75 -4.45
C LEU D 85 1.03 42.10 -4.95
N ALA D 86 1.16 41.11 -5.83
CA ALA D 86 -0.01 40.51 -6.48
C ALA D 86 -0.47 39.27 -5.70
N LEU D 87 -1.29 39.52 -4.68
CA LEU D 87 -1.87 38.42 -3.92
C LEU D 87 -2.71 37.52 -4.83
N ARG D 88 -2.77 36.24 -4.48
CA ARG D 88 -3.50 35.24 -5.24
C ARG D 88 -4.42 34.43 -4.33
N SER D 89 -4.89 35.04 -3.24
CA SER D 89 -5.85 34.39 -2.38
C SER D 89 -7.23 34.96 -2.68
N ALA D 90 -8.03 35.14 -1.64
CA ALA D 90 -9.40 35.59 -1.84
C ALA D 90 -9.80 36.60 -0.78
N LEU D 103 4.24 51.38 3.75
CA LEU D 103 2.89 51.30 4.34
C LEU D 103 1.89 50.73 3.35
N GLY D 104 1.42 51.58 2.43
CA GLY D 104 0.43 51.13 1.47
C GLY D 104 0.94 50.05 0.54
N ILE D 105 2.20 50.17 0.12
CA ILE D 105 2.95 49.22 -0.72
C ILE D 105 2.04 48.42 -1.64
N LYS D 106 1.24 49.14 -2.45
CA LYS D 106 0.27 48.65 -3.43
C LYS D 106 -0.03 47.15 -3.40
N VAL D 107 -1.22 46.77 -2.93
CA VAL D 107 -1.62 45.37 -2.80
C VAL D 107 -2.85 45.11 -3.68
N VAL D 108 -2.88 43.93 -4.33
CA VAL D 108 -4.05 43.46 -5.08
C VAL D 108 -4.41 42.05 -4.62
N ASN D 109 -5.30 41.39 -5.35
CA ASN D 109 -5.94 40.15 -4.91
C ASN D 109 -6.73 39.57 -6.07
N VAL D 110 -7.07 38.30 -5.98
CA VAL D 110 -7.77 37.57 -7.04
C VAL D 110 -9.19 37.28 -6.55
N PRO D 111 -10.24 37.64 -7.30
CA PRO D 111 -11.59 37.20 -6.92
C PRO D 111 -11.84 35.73 -7.23
N ALA D 112 -13.10 35.37 -7.40
CA ALA D 112 -13.46 34.06 -7.91
C ALA D 112 -12.75 32.98 -7.13
N TYR D 113 -11.51 32.65 -7.51
CA TYR D 113 -10.69 31.64 -6.84
C TYR D 113 -11.42 30.28 -6.87
N SER D 114 -12.39 30.19 -7.78
CA SER D 114 -13.32 29.08 -7.95
C SER D 114 -13.75 28.44 -6.63
N GLN D 115 -15.01 28.67 -6.27
CA GLN D 115 -15.62 27.96 -5.15
C GLN D 115 -16.03 26.56 -5.55
N HIS D 116 -16.39 26.36 -6.82
CA HIS D 116 -16.80 25.05 -7.30
C HIS D 116 -15.72 24.01 -7.05
N ALA D 117 -14.45 24.38 -7.28
CA ALA D 117 -13.36 23.45 -7.10
C ALA D 117 -13.25 22.97 -5.66
N ILE D 118 -13.74 23.77 -4.71
CA ILE D 118 -13.65 23.44 -3.30
C ILE D 118 -14.88 22.68 -2.83
N ALA D 119 -16.06 23.04 -3.34
CA ALA D 119 -17.24 22.22 -3.09
C ALA D 119 -17.12 20.84 -3.72
N ASP D 120 -16.52 20.74 -4.92
CA ASP D 120 -16.28 19.44 -5.54
C ASP D 120 -15.32 18.61 -4.70
N HIS D 121 -14.16 19.16 -4.38
CA HIS D 121 -13.20 18.45 -3.55
C HIS D 121 -13.83 17.99 -2.26
N THR D 122 -14.53 18.91 -1.57
CA THR D 122 -15.25 18.59 -0.33
C THR D 122 -16.03 17.29 -0.46
N LEU D 123 -16.88 17.19 -1.48
CA LEU D 123 -17.63 15.96 -1.71
C LEU D 123 -16.70 14.79 -2.08
N ALA D 124 -15.73 15.03 -2.96
CA ALA D 124 -14.79 13.97 -3.35
C ALA D 124 -14.13 13.33 -2.13
N ILE D 125 -13.63 14.16 -1.22
CA ILE D 125 -12.93 13.69 -0.03
C ILE D 125 -13.91 12.97 0.90
N MET D 126 -15.14 13.50 0.98
CA MET D 126 -16.15 12.93 1.87
C MET D 126 -16.71 11.62 1.30
N LEU D 127 -16.89 11.55 -0.02
CA LEU D 127 -17.29 10.31 -0.66
C LEU D 127 -16.18 9.25 -0.62
N ALA D 128 -14.92 9.67 -0.73
CA ALA D 128 -13.81 8.74 -0.60
C ALA D 128 -13.79 8.11 0.77
N LEU D 129 -13.98 8.92 1.83
CA LEU D 129 -13.94 8.39 3.18
C LEU D 129 -15.09 7.40 3.43
N ILE D 130 -16.33 7.82 3.14
CA ILE D 130 -17.49 6.98 3.42
C ILE D 130 -17.43 5.69 2.60
N ARG D 131 -17.00 5.79 1.35
CA ARG D 131 -16.84 4.56 0.57
C ARG D 131 -15.44 3.96 0.69
N ARG D 132 -14.57 4.50 1.56
CA ARG D 132 -13.27 3.90 1.87
C ARG D 132 -12.45 3.62 0.60
N LEU D 133 -12.35 4.64 -0.27
CA LEU D 133 -11.51 4.54 -1.46
C LEU D 133 -10.02 4.58 -1.11
N HIS D 134 -9.64 5.30 -0.06
CA HIS D 134 -8.27 5.22 0.44
C HIS D 134 -7.89 3.80 0.88
N ARG D 135 -8.80 3.11 1.58
CA ARG D 135 -8.50 1.75 1.98
C ARG D 135 -8.40 0.83 0.76
N ALA D 136 -9.41 0.85 -0.12
CA ALA D 136 -9.43 -0.04 -1.29
C ALA D 136 -8.18 0.13 -2.13
N HIS D 137 -7.76 1.37 -2.34
CA HIS D 137 -6.57 1.69 -3.11
C HIS D 137 -5.38 0.83 -2.69
N ASP D 138 -5.14 0.74 -1.38
CA ASP D 138 -3.97 0.00 -0.94
C ASP D 138 -4.23 -1.51 -0.91
N LYS D 139 -5.48 -1.91 -0.66
CA LYS D 139 -5.80 -3.33 -0.71
C LYS D 139 -5.72 -3.88 -2.15
N VAL D 140 -6.16 -3.11 -3.16
CA VAL D 140 -6.15 -3.70 -4.50
C VAL D 140 -4.75 -3.71 -5.09
N ARG D 141 -3.88 -2.78 -4.65
CA ARG D 141 -2.48 -2.86 -5.06
C ARG D 141 -1.87 -4.20 -4.66
N LEU D 142 -2.32 -4.78 -3.55
CA LEU D 142 -1.76 -6.01 -3.03
C LEU D 142 -2.42 -7.27 -3.60
N GLY D 143 -3.41 -7.13 -4.48
CA GLY D 143 -4.17 -8.28 -4.95
C GLY D 143 -5.25 -8.71 -4.00
N ASP D 144 -5.49 -7.93 -2.95
CA ASP D 144 -6.52 -8.24 -1.95
C ASP D 144 -7.83 -7.58 -2.37
N PHE D 145 -8.64 -8.31 -3.13
CA PHE D 145 -9.95 -7.87 -3.59
C PHE D 145 -11.08 -8.27 -2.67
N ASP D 146 -10.78 -8.64 -1.43
CA ASP D 146 -11.82 -8.86 -0.45
C ASP D 146 -12.32 -7.51 0.05
N LEU D 147 -13.63 -7.30 -0.04
CA LEU D 147 -14.22 -6.01 0.27
C LEU D 147 -14.40 -5.77 1.78
N ASP D 148 -13.73 -6.53 2.64
CA ASP D 148 -13.91 -6.35 4.08
C ASP D 148 -13.34 -5.02 4.56
N GLY D 149 -14.13 -4.33 5.40
CA GLY D 149 -13.78 -3.02 5.89
C GLY D 149 -13.98 -1.88 4.89
N LEU D 150 -14.58 -2.13 3.74
CA LEU D 150 -14.85 -1.08 2.75
C LEU D 150 -16.34 -0.77 2.62
N MET D 151 -17.15 -1.22 3.55
CA MET D 151 -18.58 -0.96 3.52
C MET D 151 -18.85 0.44 4.05
N GLY D 152 -19.64 1.20 3.32
CA GLY D 152 -20.04 2.50 3.80
C GLY D 152 -21.55 2.58 4.00
N PHE D 153 -22.09 3.78 3.89
CA PHE D 153 -23.52 3.99 4.01
C PHE D 153 -24.01 4.80 2.83
N ASP D 154 -25.29 4.61 2.50
CA ASP D 154 -26.01 5.52 1.63
C ASP D 154 -26.09 6.89 2.28
N LEU D 155 -25.73 7.94 1.51
CA LEU D 155 -25.93 9.30 1.98
C LEU D 155 -27.41 9.63 2.05
N ASN D 156 -28.20 8.95 1.23
CA ASN D 156 -29.64 9.13 1.22
C ASN D 156 -30.21 8.93 2.62
N GLY D 157 -31.02 9.90 3.06
CA GLY D 157 -31.64 9.88 4.37
C GLY D 157 -30.75 10.31 5.52
N LYS D 158 -29.48 10.58 5.26
CA LYS D 158 -28.57 11.00 6.31
C LYS D 158 -28.68 12.52 6.50
N VAL D 159 -28.57 12.96 7.75
CA VAL D 159 -28.60 14.37 8.11
C VAL D 159 -27.23 14.99 7.81
N ALA D 160 -27.15 15.79 6.75
CA ALA D 160 -25.93 16.56 6.44
C ALA D 160 -25.97 17.94 7.12
N GLY D 161 -24.89 18.30 7.81
CA GLY D 161 -24.85 19.59 8.49
C GLY D 161 -23.78 20.52 7.96
N VAL D 162 -24.18 21.71 7.50
CA VAL D 162 -23.26 22.67 6.87
C VAL D 162 -23.04 23.85 7.83
N ILE D 163 -21.79 24.09 8.20
CA ILE D 163 -21.43 25.22 9.05
C ILE D 163 -20.74 26.24 8.17
N GLY D 164 -21.35 27.42 8.05
CA GLY D 164 -20.90 28.40 7.08
C GLY D 164 -21.72 28.29 5.81
N LEU D 165 -22.55 29.30 5.55
CA LEU D 165 -23.49 29.27 4.44
C LEU D 165 -23.20 30.37 3.43
N GLY D 166 -21.93 30.71 3.25
CA GLY D 166 -21.51 31.48 2.11
C GLY D 166 -21.62 30.67 0.84
N LYS D 167 -20.88 31.06 -0.19
CA LYS D 167 -21.07 30.46 -1.51
C LYS D 167 -20.55 29.02 -1.56
N ILE D 168 -19.56 28.68 -0.72
CA ILE D 168 -19.03 27.33 -0.71
C ILE D 168 -19.93 26.39 0.09
N GLY D 169 -20.39 26.85 1.25
CA GLY D 169 -21.37 26.07 2.00
C GLY D 169 -22.66 25.86 1.24
N ARG D 170 -23.07 26.84 0.41
CA ARG D 170 -24.30 26.70 -0.34
C ARG D 170 -24.16 25.65 -1.42
N LEU D 171 -23.08 25.76 -2.21
CA LEU D 171 -22.84 24.79 -3.28
C LEU D 171 -22.72 23.38 -2.71
N VAL D 172 -21.99 23.22 -1.60
CA VAL D 172 -21.86 21.93 -0.94
C VAL D 172 -23.23 21.41 -0.52
N ALA D 173 -24.11 22.30 -0.05
CA ALA D 173 -25.46 21.85 0.31
C ALA D 173 -26.27 21.48 -0.92
N THR D 174 -25.96 22.11 -2.06
CA THR D 174 -26.60 21.75 -3.31
C THR D 174 -26.22 20.35 -3.73
N ARG D 175 -24.93 20.03 -3.66
CA ARG D 175 -24.49 18.67 -3.95
C ARG D 175 -25.08 17.70 -2.94
N LEU D 176 -24.84 17.95 -1.66
CA LEU D 176 -25.35 17.08 -0.61
C LEU D 176 -26.85 16.82 -0.76
N LYS D 177 -27.61 17.83 -1.20
CA LYS D 177 -29.05 17.61 -1.39
C LYS D 177 -29.33 16.56 -2.45
N ALA D 178 -28.50 16.47 -3.50
CA ALA D 178 -28.79 15.58 -4.61
C ALA D 178 -28.51 14.12 -4.27
N PHE D 179 -27.58 13.85 -3.35
CA PHE D 179 -27.30 12.48 -2.91
C PHE D 179 -28.40 11.92 -2.04
N GLY D 180 -29.34 12.76 -1.64
CA GLY D 180 -30.46 12.35 -0.85
C GLY D 180 -30.33 12.64 0.62
N CYS D 181 -29.53 13.63 1.00
CA CYS D 181 -29.38 13.99 2.41
C CYS D 181 -30.41 15.03 2.84
N LYS D 182 -30.72 15.03 4.13
CA LYS D 182 -31.50 16.11 4.74
C LYS D 182 -30.51 17.14 5.24
N VAL D 183 -30.43 18.26 4.54
CA VAL D 183 -29.31 19.17 4.72
C VAL D 183 -29.70 20.27 5.70
N LEU D 184 -29.13 20.17 6.91
CA LEU D 184 -29.15 21.18 7.94
C LEU D 184 -28.03 22.17 7.68
N GLY D 185 -28.08 23.30 8.35
CA GLY D 185 -27.02 24.29 8.21
C GLY D 185 -27.19 25.43 9.20
N TYR D 186 -26.06 26.09 9.49
CA TYR D 186 -25.99 27.13 10.49
C TYR D 186 -25.08 28.25 9.99
N ASP D 187 -25.49 29.50 10.22
CA ASP D 187 -24.72 30.70 9.89
C ASP D 187 -25.33 31.88 10.63
N PRO D 188 -24.53 32.75 11.26
CA PRO D 188 -25.13 33.88 12.00
C PRO D 188 -25.87 34.86 11.10
N TYR D 189 -25.40 35.10 9.89
CA TYR D 189 -26.14 35.80 8.87
C TYR D 189 -26.79 34.78 7.95
N ILE D 190 -27.40 35.27 6.88
CA ILE D 190 -28.12 34.54 5.82
C ILE D 190 -28.71 33.19 6.22
N GLN D 191 -30.02 33.05 5.99
CA GLN D 191 -30.75 31.79 6.14
C GLN D 191 -31.19 31.36 4.76
N PRO D 192 -30.36 30.61 4.02
CA PRO D 192 -30.71 30.24 2.64
C PRO D 192 -31.76 29.13 2.59
N GLU D 193 -32.46 29.08 1.47
CA GLU D 193 -33.47 28.04 1.28
C GLU D 193 -32.86 26.64 1.15
N ILE D 194 -31.64 26.57 0.58
CA ILE D 194 -30.94 25.31 0.34
C ILE D 194 -30.84 24.46 1.59
N VAL D 195 -30.94 25.06 2.76
CA VAL D 195 -30.63 24.41 4.02
C VAL D 195 -31.81 24.59 4.96
N GLU D 196 -32.15 23.55 5.72
CA GLU D 196 -32.96 23.80 6.91
C GLU D 196 -32.10 24.46 7.98
N ASN D 197 -32.12 25.79 7.99
CA ASN D 197 -31.41 26.56 9.01
C ASN D 197 -31.90 26.18 10.40
N VAL D 198 -30.94 25.86 11.26
CA VAL D 198 -31.16 25.51 12.65
C VAL D 198 -30.01 26.11 13.45
N ASP D 199 -30.11 25.98 14.77
CA ASP D 199 -29.04 26.43 15.65
C ASP D 199 -27.84 25.50 15.56
N LEU D 200 -26.66 26.06 15.86
CA LEU D 200 -25.43 25.29 15.79
C LEU D 200 -25.49 24.03 16.65
N ASP D 201 -26.02 24.13 17.88
CA ASP D 201 -25.99 22.96 18.76
C ASP D 201 -26.78 21.81 18.14
N THR D 202 -27.94 22.14 17.58
CA THR D 202 -28.79 21.16 16.91
C THR D 202 -28.05 20.47 15.77
N LEU D 203 -27.37 21.23 14.92
CA LEU D 203 -26.53 20.65 13.88
C LEU D 203 -25.51 19.68 14.46
N ILE D 204 -24.73 20.15 15.43
CA ILE D 204 -23.67 19.37 16.07
C ILE D 204 -24.17 18.00 16.48
N THR D 205 -25.31 17.94 17.19
CA THR D 205 -25.78 16.68 17.76
C THR D 205 -26.69 15.88 16.83
N GLN D 206 -27.31 16.50 15.81
CA GLN D 206 -28.25 15.75 14.99
C GLN D 206 -27.65 15.25 13.67
N ALA D 207 -26.56 15.85 13.21
CA ALA D 207 -26.05 15.60 11.86
C ALA D 207 -25.17 14.35 11.79
N ASP D 208 -25.52 13.42 10.91
CA ASP D 208 -24.63 12.30 10.60
C ASP D 208 -23.32 12.79 10.00
N ILE D 209 -23.39 13.80 9.13
CA ILE D 209 -22.25 14.41 8.45
C ILE D 209 -22.23 15.89 8.80
N ILE D 210 -21.07 16.39 9.23
CA ILE D 210 -20.81 17.81 9.37
C ILE D 210 -19.70 18.18 8.40
N SER D 211 -19.86 19.30 7.68
CA SER D 211 -18.79 19.85 6.85
C SER D 211 -18.65 21.32 7.19
N ILE D 212 -17.40 21.78 7.31
CA ILE D 212 -17.09 23.13 7.79
C ILE D 212 -16.75 24.01 6.59
N HIS D 213 -17.48 25.11 6.44
CA HIS D 213 -17.26 26.03 5.33
C HIS D 213 -17.39 27.48 5.82
N CYS D 214 -16.59 27.81 6.83
CA CYS D 214 -16.62 29.13 7.45
C CYS D 214 -15.18 29.55 7.71
N PRO D 215 -14.93 30.86 7.87
CA PRO D 215 -13.57 31.32 8.13
C PRO D 215 -13.19 31.15 9.59
N LEU D 216 -11.92 31.41 9.89
CA LEU D 216 -11.35 31.13 11.21
C LEU D 216 -11.20 32.44 11.99
N THR D 217 -11.91 32.54 13.11
CA THR D 217 -11.91 33.75 13.94
C THR D 217 -11.37 33.44 15.32
N ARG D 218 -11.15 34.49 16.11
CA ARG D 218 -10.49 34.32 17.40
C ARG D 218 -11.26 33.37 18.31
N GLU D 219 -12.59 33.35 18.22
CA GLU D 219 -13.42 32.43 18.99
C GLU D 219 -13.78 31.17 18.23
N ASN D 220 -13.54 31.13 16.92
CA ASN D 220 -13.73 29.94 16.09
C ASN D 220 -12.65 28.90 16.31
N PHE D 221 -11.47 29.32 16.75
CA PHE D 221 -10.36 28.40 16.94
C PHE D 221 -10.81 27.23 17.80
N HIS D 222 -10.40 26.02 17.39
CA HIS D 222 -10.70 24.82 18.17
C HIS D 222 -12.18 24.74 18.49
N MET D 223 -13.00 25.22 17.57
CA MET D 223 -14.45 25.06 17.70
C MET D 223 -14.82 23.60 17.88
N PHE D 224 -14.17 22.70 17.13
CA PHE D 224 -14.31 21.27 17.32
C PHE D 224 -13.22 20.80 18.27
N ASN D 225 -13.62 20.43 19.47
CA ASN D 225 -12.71 20.14 20.56
C ASN D 225 -13.34 19.01 21.38
N GLU D 226 -12.69 18.71 22.52
CA GLU D 226 -13.11 17.57 23.34
C GLU D 226 -14.59 17.63 23.67
N GLU D 227 -15.15 18.83 23.81
CA GLU D 227 -16.55 18.97 24.20
C GLU D 227 -17.48 18.85 22.99
N THR D 228 -17.15 19.52 21.89
CA THR D 228 -17.97 19.37 20.70
C THR D 228 -17.97 17.93 20.24
N PHE D 229 -16.83 17.26 20.37
CA PHE D 229 -16.75 15.85 20.00
C PHE D 229 -17.65 15.01 20.88
N LYS D 230 -17.84 15.43 22.15
CA LYS D 230 -18.72 14.73 23.07
C LYS D 230 -20.19 14.92 22.72
N ARG D 231 -20.57 16.11 22.22
CA ARG D 231 -21.98 16.38 21.92
C ARG D 231 -22.40 15.81 20.59
N MET D 232 -21.46 15.42 19.75
CA MET D 232 -21.78 15.00 18.39
C MET D 232 -22.44 13.64 18.35
N LYS D 233 -23.17 13.39 17.27
CA LYS D 233 -23.77 12.10 17.08
C LYS D 233 -22.71 11.01 16.97
N PRO D 234 -22.86 9.89 17.68
CA PRO D 234 -21.91 8.77 17.52
C PRO D 234 -21.96 8.22 16.11
N GLY D 235 -20.79 8.06 15.50
CA GLY D 235 -20.67 7.61 14.12
C GLY D 235 -20.55 8.74 13.11
N ALA D 236 -20.52 9.98 13.55
CA ALA D 236 -20.61 11.09 12.61
C ALA D 236 -19.30 11.28 11.84
N ILE D 237 -19.43 11.69 10.58
CA ILE D 237 -18.30 12.10 9.74
C ILE D 237 -18.11 13.61 9.90
N LEU D 238 -16.88 14.05 10.15
CA LEU D 238 -16.54 15.48 10.18
C LEU D 238 -15.69 15.83 8.96
N VAL D 239 -16.13 16.81 8.18
CA VAL D 239 -15.46 17.22 6.96
C VAL D 239 -14.99 18.66 7.11
N ASN D 240 -13.71 18.90 6.82
CA ASN D 240 -13.17 20.26 6.86
C ASN D 240 -12.26 20.52 5.66
N THR D 241 -12.72 21.39 4.77
CA THR D 241 -11.88 22.02 3.75
C THR D 241 -11.72 23.51 3.98
N ALA D 242 -12.38 24.06 5.00
CA ALA D 242 -12.26 25.45 5.37
C ALA D 242 -10.89 25.74 5.98
N ARG D 243 -10.75 25.63 7.31
CA ARG D 243 -9.53 26.00 8.02
C ARG D 243 -9.16 24.93 9.05
N GLY D 244 -7.86 24.64 9.14
CA GLY D 244 -7.40 23.64 10.11
C GLY D 244 -7.56 24.07 11.57
N GLY D 245 -7.43 25.37 11.85
CA GLY D 245 -7.54 25.86 13.22
C GLY D 245 -8.90 25.64 13.84
N LEU D 246 -9.92 25.37 13.02
CA LEU D 246 -11.26 25.13 13.56
C LEU D 246 -11.37 23.78 14.26
N ILE D 247 -10.34 22.94 14.14
CA ILE D 247 -10.35 21.57 14.69
C ILE D 247 -9.18 21.41 15.63
N ASP D 248 -9.45 20.89 16.83
CA ASP D 248 -8.44 20.48 17.79
C ASP D 248 -7.90 19.11 17.38
N THR D 249 -6.84 19.09 16.58
CA THR D 249 -6.38 17.83 15.99
C THR D 249 -6.19 16.76 17.06
N LYS D 250 -5.66 17.14 18.22
CA LYS D 250 -5.50 16.19 19.33
C LYS D 250 -6.85 15.60 19.75
N ALA D 251 -7.84 16.45 20.00
CA ALA D 251 -9.18 15.95 20.34
C ALA D 251 -9.78 15.18 19.18
N LEU D 252 -9.52 15.61 17.94
CA LEU D 252 -9.98 14.86 16.77
C LEU D 252 -9.37 13.45 16.73
N LEU D 253 -8.07 13.33 17.02
CA LEU D 253 -7.46 12.01 17.04
C LEU D 253 -8.00 11.17 18.19
N GLU D 254 -8.22 11.78 19.36
CA GLU D 254 -8.80 11.02 20.46
C GLU D 254 -10.24 10.63 20.15
N ALA D 255 -11.01 11.51 19.51
CA ALA D 255 -12.36 11.13 19.12
C ALA D 255 -12.32 10.05 18.05
N LEU D 256 -11.41 10.18 17.09
CA LEU D 256 -11.28 9.15 16.06
C LEU D 256 -10.80 7.82 16.67
N LYS D 257 -9.79 7.88 17.55
CA LYS D 257 -9.28 6.63 18.11
C LYS D 257 -10.32 6.00 19.02
N SER D 258 -11.02 6.78 19.83
CA SER D 258 -11.96 6.18 20.78
C SER D 258 -13.20 5.60 20.11
N GLY D 259 -13.51 6.00 18.88
CA GLY D 259 -14.69 5.53 18.20
C GLY D 259 -15.92 6.41 18.32
N LYS D 260 -15.84 7.54 19.03
CA LYS D 260 -16.98 8.45 19.05
C LYS D 260 -17.20 9.07 17.67
N LEU D 261 -16.13 9.54 17.01
CA LEU D 261 -16.21 10.09 15.67
C LEU D 261 -16.01 9.00 14.64
N GLY D 262 -17.01 8.80 13.78
CA GLY D 262 -16.99 7.72 12.80
C GLY D 262 -15.97 7.89 11.71
N GLY D 263 -15.59 9.13 11.40
CA GLY D 263 -14.59 9.40 10.39
C GLY D 263 -14.23 10.87 10.38
N ALA D 264 -13.17 11.18 9.66
CA ALA D 264 -12.84 12.56 9.38
C ALA D 264 -12.22 12.62 7.99
N ALA D 265 -12.58 13.67 7.22
CA ALA D 265 -12.01 13.91 5.91
C ALA D 265 -11.51 15.35 5.88
N LEU D 266 -10.20 15.53 5.87
CA LEU D 266 -9.59 16.84 5.99
C LEU D 266 -8.88 17.23 4.71
N ASP D 267 -9.06 18.48 4.31
CA ASP D 267 -8.19 19.12 3.34
C ASP D 267 -7.21 20.10 3.97
N VAL D 268 -7.52 20.57 5.16
CA VAL D 268 -6.71 21.56 5.83
C VAL D 268 -6.32 21.01 7.19
N TYR D 269 -5.35 21.65 7.82
CA TYR D 269 -4.78 21.13 9.06
C TYR D 269 -4.12 22.29 9.79
N GLU D 270 -4.57 22.57 11.02
CA GLU D 270 -3.78 23.44 11.87
C GLU D 270 -2.37 22.87 11.96
N TYR D 271 -1.36 23.71 11.82
CA TYR D 271 0.04 23.29 11.70
C TYR D 271 0.41 22.82 10.30
N GLU D 272 -0.43 23.05 9.29
CA GLU D 272 -0.08 22.64 7.93
C GLU D 272 1.05 23.47 7.35
N ARG D 273 1.25 24.71 7.82
CA ARG D 273 2.12 25.72 7.23
C ARG D 273 3.38 25.15 6.59
N GLY D 274 4.44 24.99 7.37
CA GLY D 274 5.68 24.51 6.76
C GLY D 274 5.59 23.10 6.18
N LEU D 275 4.48 22.39 6.37
CA LEU D 275 4.34 21.02 5.89
C LEU D 275 3.70 20.93 4.50
N PHE D 276 2.52 21.52 4.30
CA PHE D 276 1.85 21.33 3.02
C PHE D 276 2.61 22.02 1.90
N PHE D 277 2.25 21.65 0.67
CA PHE D 277 2.75 22.18 -0.61
C PHE D 277 4.22 21.91 -0.84
N LYS D 278 4.86 21.10 0.01
CA LYS D 278 6.28 20.81 -0.08
C LYS D 278 6.52 19.31 -0.06
N ASN D 279 7.52 18.89 -0.83
CA ASN D 279 7.89 17.49 -0.93
C ASN D 279 8.91 17.17 0.17
N HIS D 280 8.43 16.58 1.28
CA HIS D 280 9.27 16.13 2.38
C HIS D 280 9.72 14.68 2.22
N GLN D 281 9.91 14.22 1.00
CA GLN D 281 10.17 12.81 0.75
C GLN D 281 11.55 12.35 1.23
N LYS D 282 12.52 13.25 1.39
CA LYS D 282 13.84 12.82 1.85
C LYS D 282 13.80 12.43 3.33
N GLU D 283 13.16 13.27 4.17
CA GLU D 283 12.76 12.83 5.51
C GLU D 283 11.47 12.03 5.38
N GLY D 284 10.57 12.14 6.32
CA GLY D 284 9.25 11.59 6.06
C GLY D 284 8.19 12.47 6.67
N ILE D 285 7.43 11.91 7.59
CA ILE D 285 6.49 12.69 8.40
C ILE D 285 7.09 12.79 9.79
N LYS D 286 7.57 13.99 10.13
CA LYS D 286 8.02 14.30 11.47
C LYS D 286 6.89 14.81 12.37
N ASP D 287 5.86 15.44 11.79
CA ASP D 287 4.71 15.91 12.57
C ASP D 287 4.02 14.72 13.22
N PRO D 288 3.92 14.68 14.57
CA PRO D 288 3.32 13.52 15.23
C PRO D 288 1.87 13.29 14.86
N TYR D 289 1.09 14.37 14.76
CA TYR D 289 -0.34 14.27 14.55
C TYR D 289 -0.67 13.84 13.12
N LEU D 290 0.10 14.33 12.14
CA LEU D 290 -0.11 13.95 10.77
C LEU D 290 0.12 12.45 10.57
N ALA D 291 1.16 11.93 11.21
CA ALA D 291 1.47 10.51 11.11
C ALA D 291 0.33 9.65 11.67
N GLN D 292 -0.38 10.17 12.67
CA GLN D 292 -1.48 9.44 13.28
C GLN D 292 -2.75 9.58 12.48
N LEU D 293 -2.97 10.74 11.87
CA LEU D 293 -4.12 10.95 11.00
C LEU D 293 -4.08 9.98 9.82
N LEU D 294 -2.92 9.89 9.16
CA LEU D 294 -2.78 9.04 7.99
C LEU D 294 -2.86 7.56 8.34
N GLY D 295 -2.57 7.21 9.59
CA GLY D 295 -2.56 5.82 10.01
C GLY D 295 -3.94 5.22 10.21
N LEU D 296 -4.91 6.02 10.62
CA LEU D 296 -6.28 5.53 10.86
C LEU D 296 -7.02 5.24 9.56
N ALA D 297 -7.76 4.12 9.55
CA ALA D 297 -8.52 3.76 8.35
C ALA D 297 -9.67 4.73 8.06
N ASN D 298 -10.21 5.37 9.10
CA ASN D 298 -11.37 6.27 8.99
C ASN D 298 -10.95 7.74 8.90
N VAL D 299 -9.84 8.02 8.23
CA VAL D 299 -9.40 9.37 7.94
C VAL D 299 -9.00 9.42 6.47
N VAL D 300 -9.45 10.46 5.78
CA VAL D 300 -8.91 10.80 4.48
C VAL D 300 -8.30 12.18 4.61
N LEU D 301 -7.12 12.37 4.02
CA LEU D 301 -6.46 13.68 4.13
C LEU D 301 -5.73 14.00 2.83
N THR D 302 -5.87 15.25 2.41
CA THR D 302 -5.18 15.78 1.24
C THR D 302 -4.58 17.12 1.63
N GLY D 303 -3.49 17.49 0.96
CA GLY D 303 -2.71 18.62 1.39
C GLY D 303 -3.15 19.95 0.82
N HIS D 304 -4.30 20.46 1.27
CA HIS D 304 -4.81 21.77 0.87
C HIS D 304 -4.94 21.92 -0.65
N GLN D 305 -5.44 20.88 -1.31
CA GLN D 305 -5.55 20.88 -2.76
C GLN D 305 -6.98 21.11 -3.25
N ALA D 306 -7.87 21.62 -2.38
CA ALA D 306 -9.26 21.80 -2.76
C ALA D 306 -9.45 22.92 -3.78
N PHE D 307 -8.44 23.74 -4.01
CA PHE D 307 -8.51 24.77 -5.05
C PHE D 307 -8.01 24.27 -6.40
N LEU D 308 -7.19 23.22 -6.40
CA LEU D 308 -6.37 22.82 -7.54
C LEU D 308 -7.24 22.26 -8.66
N THR D 309 -7.82 23.16 -9.45
CA THR D 309 -8.46 22.76 -10.70
C THR D 309 -7.98 23.68 -11.81
N ARG D 310 -8.07 23.19 -13.04
CA ARG D 310 -7.61 23.94 -14.20
C ARG D 310 -8.33 25.28 -14.30
N GLU D 311 -9.65 25.27 -14.12
CA GLU D 311 -10.43 26.50 -14.12
C GLU D 311 -9.93 27.47 -13.05
N ALA D 312 -9.81 27.01 -11.81
CA ALA D 312 -9.40 27.89 -10.71
C ALA D 312 -8.03 28.50 -10.98
N VAL D 313 -7.08 27.70 -11.46
CA VAL D 313 -5.70 28.17 -11.65
C VAL D 313 -5.58 29.07 -12.86
N LYS D 314 -6.12 28.64 -13.99
CA LYS D 314 -6.23 29.51 -15.15
C LYS D 314 -6.86 30.85 -14.78
N ASN D 315 -7.85 30.83 -13.89
CA ASN D 315 -8.49 32.08 -13.47
C ASN D 315 -7.56 32.88 -12.55
N ILE D 316 -7.03 32.23 -11.50
CA ILE D 316 -6.03 32.88 -10.67
C ILE D 316 -4.91 33.46 -11.53
N GLU D 317 -4.40 32.68 -12.49
CA GLU D 317 -3.32 33.17 -13.31
C GLU D 317 -3.76 34.34 -14.19
N GLU D 318 -4.89 34.18 -14.89
CA GLU D 318 -5.33 35.24 -15.79
C GLU D 318 -5.66 36.52 -15.04
N THR D 319 -6.24 36.40 -13.84
CA THR D 319 -6.58 37.60 -13.07
C THR D 319 -5.32 38.32 -12.59
N THR D 320 -4.35 37.58 -12.06
CA THR D 320 -3.10 38.18 -11.59
C THR D 320 -2.45 39.02 -12.68
N VAL D 321 -2.49 38.54 -13.92
CA VAL D 321 -1.88 39.28 -15.03
C VAL D 321 -2.62 40.58 -15.28
N GLU D 322 -3.95 40.52 -15.37
CA GLU D 322 -4.76 41.73 -15.52
C GLU D 322 -4.48 42.73 -14.42
N ASN D 323 -4.37 42.25 -13.17
CA ASN D 323 -4.16 43.15 -12.03
C ASN D 323 -2.88 43.96 -12.19
N ILE D 324 -1.78 43.32 -12.60
CA ILE D 324 -0.58 44.05 -12.96
C ILE D 324 -0.86 45.01 -14.12
N LEU D 325 -1.56 44.51 -15.15
CA LEU D 325 -1.85 45.31 -16.34
C LEU D 325 -2.72 46.53 -16.01
N GLU D 326 -3.37 46.51 -14.85
CA GLU D 326 -4.19 47.60 -14.36
C GLU D 326 -3.38 48.61 -13.56
N TRP D 327 -2.42 48.15 -12.77
CA TRP D 327 -1.56 49.03 -11.99
C TRP D 327 -0.45 49.67 -12.82
N GLN D 328 -0.13 49.12 -14.00
CA GLN D 328 0.81 49.77 -14.91
C GLN D 328 0.13 50.65 -15.93
N LYS D 329 -1.14 50.40 -16.23
CA LYS D 329 -1.94 51.32 -17.04
C LYS D 329 -2.38 52.55 -16.23
N ASN D 330 -2.28 52.51 -14.88
CA ASN D 330 -2.67 53.59 -13.98
C ASN D 330 -2.38 53.21 -12.53
N PRO D 331 -1.19 53.53 -12.01
CA PRO D 331 -0.83 53.15 -10.63
C PRO D 331 -1.65 53.81 -9.54
N GLN D 332 -2.58 54.69 -9.86
CA GLN D 332 -3.39 55.37 -8.85
C GLN D 332 -4.83 55.06 -9.19
N ALA D 333 -5.45 54.17 -8.41
CA ALA D 333 -6.80 53.71 -8.69
C ALA D 333 -7.28 52.72 -7.64
N LYS D 334 -8.45 52.12 -7.89
CA LYS D 334 -8.96 51.03 -7.09
C LYS D 334 -8.61 49.66 -7.66
N LEU D 335 -8.01 49.62 -8.86
CA LEU D 335 -7.59 48.38 -9.53
C LEU D 335 -8.49 47.19 -9.25
N LYS D 336 -9.80 47.41 -9.15
CA LYS D 336 -10.79 46.34 -8.99
C LYS D 336 -10.63 45.56 -7.69
N ASN D 337 -9.64 44.66 -7.62
CA ASN D 337 -9.43 43.86 -6.42
C ASN D 337 -8.21 44.39 -5.65
N GLU D 338 -8.35 45.60 -5.11
CA GLU D 338 -7.28 46.17 -4.26
C GLU D 338 -7.07 45.37 -2.97
#